data_8XSW
#
_entry.id   8XSW
#
_cell.length_a   74.728
_cell.length_b   74.728
_cell.length_c   351.295
_cell.angle_alpha   90.000
_cell.angle_beta   90.000
_cell.angle_gamma   120.000
#
_symmetry.space_group_name_H-M   'P 65'
#
loop_
_entity.id
_entity.type
_entity.pdbx_description
1 polymer 'Acetylcholine-binding protein'
2 non-polymer '2-methyl-1-nitro-3-[(tetrahydro-3-furanyl) methyl] guanidine'
3 water water
#
_entity_poly.entity_id   1
_entity_poly.type   'polypeptide(L)'
_entity_poly.pdbx_seq_one_letter_code
;SLDRADILYNIRQTSRPDVIPTQRDRPVAVSVSLKFINILEVNEITNEVDVVFWQQTTWSDRTLAWDSSHSPDQVSVPIS
SLWVPDLAAYNAISKPEVLTPQLARVVSDGEVLYMPSIRQRFSCDVSGVDTESGATCRIKIGSWTHHSREISVDPTTENS
DDSEYFSQYSRFEILDVTQKKNSVTYSCCPEAYEDVEVSLNFRKKGRSE
;
_entity_poly.pdbx_strand_id   A,B,C,D,E
#
loop_
_chem_comp.id
_chem_comp.type
_chem_comp.name
_chem_comp.formula
A1LW0 non-polymer '2-methyl-1-nitro-3-[(tetrahydro-3-furanyl) methyl] guanidine' 'C7 H14 N4 O3'
#
# COMPACT_ATOMS: atom_id res chain seq x y z
N SER A 1 23.33 34.29 -11.30
CA SER A 1 23.66 32.97 -11.88
C SER A 1 23.09 31.85 -11.00
N LEU A 2 21.84 32.04 -10.53
CA LEU A 2 21.17 31.03 -9.74
C LEU A 2 21.02 29.78 -10.60
N ASP A 3 20.76 28.64 -9.93
CA ASP A 3 20.69 27.35 -10.59
C ASP A 3 19.47 26.60 -10.06
N ARG A 4 19.28 25.37 -10.51
CA ARG A 4 18.10 24.61 -10.13
C ARG A 4 18.10 24.30 -8.63
N ALA A 5 19.30 24.14 -8.05
CA ALA A 5 19.42 23.84 -6.63
C ALA A 5 18.99 25.04 -5.78
N ASP A 6 19.32 26.25 -6.24
CA ASP A 6 18.89 27.47 -5.57
C ASP A 6 17.36 27.59 -5.60
N ILE A 7 16.78 27.44 -6.79
CA ILE A 7 15.35 27.58 -6.98
C ILE A 7 14.60 26.68 -6.00
N LEU A 8 15.03 25.41 -5.91
CA LEU A 8 14.37 24.44 -5.04
C LEU A 8 14.59 24.83 -3.58
N TYR A 9 15.81 25.24 -3.24
CA TYR A 9 16.13 25.60 -1.88
C TYR A 9 15.18 26.72 -1.43
N ASN A 10 14.93 27.68 -2.34
CA ASN A 10 14.10 28.84 -2.05
C ASN A 10 12.64 28.41 -1.89
N ILE A 11 12.19 27.45 -2.70
CA ILE A 11 10.86 26.90 -2.60
C ILE A 11 10.67 26.27 -1.21
N ARG A 12 11.65 25.48 -0.77
CA ARG A 12 11.62 24.86 0.54
C ARG A 12 11.43 25.89 1.66
N GLN A 13 12.02 27.08 1.50
CA GLN A 13 11.97 28.12 2.52
C GLN A 13 10.61 28.84 2.52
N THR A 14 10.02 29.03 1.35
CA THR A 14 8.87 29.92 1.20
C THR A 14 7.56 29.11 1.17
N SER A 15 7.60 27.90 0.60
CA SER A 15 6.41 27.11 0.33
C SER A 15 5.81 26.54 1.62
N ARG A 16 4.48 26.66 1.75
CA ARG A 16 3.72 26.05 2.83
C ARG A 16 2.73 25.06 2.23
N PRO A 17 3.08 23.76 2.15
CA PRO A 17 2.20 22.75 1.56
C PRO A 17 0.78 22.65 2.13
N ASP A 18 0.62 23.01 3.40
CA ASP A 18 -0.66 22.83 4.08
C ASP A 18 -1.42 24.15 4.17
N VAL A 19 -0.93 25.21 3.51
CA VAL A 19 -1.54 26.53 3.60
C VAL A 19 -1.92 26.99 2.20
N ILE A 20 -3.22 27.26 2.02
CA ILE A 20 -3.76 27.72 0.75
C ILE A 20 -3.14 29.09 0.42
N PRO A 21 -2.52 29.26 -0.77
CA PRO A 21 -1.88 30.53 -1.12
C PRO A 21 -2.81 31.58 -1.72
N THR A 22 -3.74 32.07 -0.87
CA THR A 22 -4.67 33.13 -1.25
C THR A 22 -3.96 34.46 -1.13
N GLN A 23 -4.14 35.32 -2.14
CA GLN A 23 -3.77 36.73 -2.06
C GLN A 23 -4.96 37.49 -1.48
N ARG A 24 -4.71 38.28 -0.43
CA ARG A 24 -5.74 39.05 0.25
C ARG A 24 -6.80 38.06 0.77
N ASP A 25 -8.07 38.36 0.51
CA ASP A 25 -9.12 37.36 0.63
C ASP A 25 -9.75 37.15 -0.73
N ARG A 26 -8.91 36.86 -1.73
CA ARG A 26 -9.36 36.48 -3.06
C ARG A 26 -9.09 34.99 -3.24
N PRO A 27 -10.05 34.21 -3.80
CA PRO A 27 -9.90 32.76 -3.91
C PRO A 27 -8.68 32.40 -4.75
N VAL A 28 -8.07 31.25 -4.47
CA VAL A 28 -7.06 30.70 -5.35
C VAL A 28 -7.79 30.16 -6.59
N ALA A 29 -7.50 30.78 -7.74
CA ALA A 29 -8.12 30.43 -9.00
C ALA A 29 -7.47 29.16 -9.56
N VAL A 30 -8.16 28.03 -9.43
CA VAL A 30 -7.67 26.75 -9.92
C VAL A 30 -8.35 26.43 -11.25
N SER A 31 -7.54 26.02 -12.23
CA SER A 31 -8.01 25.64 -13.54
C SER A 31 -7.85 24.13 -13.73
N VAL A 32 -8.93 23.46 -14.19
CA VAL A 32 -8.96 22.00 -14.29
C VAL A 32 -9.40 21.60 -15.70
N SER A 33 -8.70 20.63 -16.27
CA SER A 33 -9.00 20.10 -17.59
C SER A 33 -8.63 18.62 -17.63
N LEU A 34 -9.60 17.76 -17.96
CA LEU A 34 -9.34 16.34 -18.11
C LEU A 34 -9.08 16.06 -19.59
N LYS A 35 -8.01 15.33 -19.87
CA LYS A 35 -7.74 14.82 -21.21
C LYS A 35 -7.89 13.31 -21.16
N PHE A 36 -8.90 12.79 -21.86
CA PHE A 36 -9.22 11.38 -21.79
C PHE A 36 -8.19 10.62 -22.61
N ILE A 37 -7.57 9.62 -21.98
CA ILE A 37 -6.53 8.81 -22.62
C ILE A 37 -7.10 7.45 -22.99
N ASN A 38 -7.95 6.92 -22.10
CA ASN A 38 -8.50 5.58 -22.32
C ASN A 38 -9.80 5.40 -21.54
N ILE A 39 -10.67 4.55 -22.08
CA ILE A 39 -11.84 4.05 -21.39
C ILE A 39 -11.70 2.52 -21.36
N LEU A 40 -11.52 1.96 -20.16
CA LEU A 40 -10.98 0.61 -20.04
C LEU A 40 -12.11 -0.39 -19.84
N GLU A 41 -13.09 -0.02 -19.01
CA GLU A 41 -14.17 -0.93 -18.68
C GLU A 41 -15.45 -0.13 -18.51
N VAL A 42 -16.54 -0.64 -19.10
CA VAL A 42 -17.84 0.00 -19.01
C VAL A 42 -18.85 -1.07 -18.64
N ASN A 43 -19.79 -0.73 -17.76
CA ASN A 43 -20.83 -1.65 -17.36
C ASN A 43 -22.18 -0.98 -17.55
N GLU A 44 -22.98 -1.50 -18.50
CA GLU A 44 -24.25 -0.90 -18.89
C GLU A 44 -25.34 -1.13 -17.84
N ILE A 45 -25.16 -2.16 -17.01
CA ILE A 45 -26.12 -2.53 -15.99
C ILE A 45 -25.86 -1.75 -14.70
N THR A 46 -24.58 -1.63 -14.29
CA THR A 46 -24.25 -1.01 -13.02
C THR A 46 -24.01 0.50 -13.20
N ASN A 47 -23.91 0.98 -14.45
CA ASN A 47 -23.63 2.39 -14.74
C ASN A 47 -22.29 2.79 -14.12
N GLU A 48 -21.23 2.08 -14.50
CA GLU A 48 -19.90 2.35 -14.00
C GLU A 48 -18.94 2.29 -15.18
N VAL A 49 -17.89 3.13 -15.11
CA VAL A 49 -16.86 3.19 -16.13
C VAL A 49 -15.50 3.27 -15.44
N ASP A 50 -14.49 2.67 -16.08
CA ASP A 50 -13.11 2.76 -15.61
C ASP A 50 -12.33 3.49 -16.70
N VAL A 51 -11.77 4.65 -16.36
CA VAL A 51 -11.20 5.55 -17.36
C VAL A 51 -9.79 5.97 -16.95
N VAL A 52 -9.03 6.44 -17.95
CA VAL A 52 -7.69 6.95 -17.76
C VAL A 52 -7.65 8.36 -18.38
N PHE A 53 -7.25 9.35 -17.56
CA PHE A 53 -7.20 10.73 -18.02
C PHE A 53 -6.01 11.45 -17.38
N TRP A 54 -5.53 12.46 -18.10
CA TRP A 54 -4.60 13.43 -17.58
C TRP A 54 -5.41 14.58 -17.01
N GLN A 55 -5.18 14.88 -15.73
CA GLN A 55 -5.87 15.96 -15.05
C GLN A 55 -4.97 17.19 -14.98
N GLN A 56 -5.05 18.01 -16.03
CA GLN A 56 -4.24 19.22 -16.12
C GLN A 56 -4.79 20.26 -15.15
N THR A 57 -3.95 20.62 -14.16
CA THR A 57 -4.36 21.49 -13.07
C THR A 57 -3.35 22.63 -13.00
N THR A 58 -3.84 23.88 -13.03
CA THR A 58 -2.96 25.03 -12.89
C THR A 58 -3.51 25.98 -11.82
N TRP A 59 -2.59 26.62 -11.09
CA TRP A 59 -2.91 27.64 -10.11
C TRP A 59 -1.68 28.53 -9.89
N SER A 60 -1.82 29.57 -9.07
CA SER A 60 -0.70 30.44 -8.72
C SER A 60 -0.40 30.34 -7.22
N ASP A 61 0.88 30.15 -6.88
CA ASP A 61 1.38 30.36 -5.53
C ASP A 61 2.55 31.34 -5.64
N ARG A 62 2.28 32.60 -5.29
CA ARG A 62 3.21 33.70 -5.55
C ARG A 62 4.42 33.63 -4.62
N THR A 63 4.32 32.87 -3.53
CA THR A 63 5.43 32.73 -2.60
C THR A 63 6.58 31.95 -3.27
N LEU A 64 6.26 31.16 -4.31
CA LEU A 64 7.26 30.31 -4.96
C LEU A 64 8.15 31.12 -5.91
N ALA A 65 7.75 32.34 -6.28
CA ALA A 65 8.36 33.07 -7.37
C ALA A 65 9.82 33.39 -7.08
N TRP A 66 10.61 33.52 -8.17
CA TRP A 66 12.01 33.89 -8.12
C TRP A 66 12.37 34.66 -9.37
N ASP A 67 13.49 35.39 -9.34
CA ASP A 67 13.96 36.15 -10.49
C ASP A 67 14.71 35.22 -11.42
N SER A 68 14.15 34.98 -12.62
CA SER A 68 14.72 34.06 -13.60
C SER A 68 15.36 34.81 -14.76
N SER A 69 15.92 36.00 -14.48
CA SER A 69 16.55 36.81 -15.51
C SER A 69 17.90 36.21 -15.93
N HIS A 70 18.56 35.51 -15.00
CA HIS A 70 19.82 34.82 -15.30
C HIS A 70 19.81 33.45 -14.64
N SER A 71 18.69 32.74 -14.74
CA SER A 71 18.57 31.37 -14.26
C SER A 71 17.36 30.73 -14.92
N PRO A 72 17.20 29.39 -14.84
CA PRO A 72 16.04 28.72 -15.43
C PRO A 72 14.73 29.28 -14.87
N ASP A 73 13.71 29.33 -15.74
CA ASP A 73 12.44 29.96 -15.38
C ASP A 73 11.40 28.88 -15.06
N GLN A 74 11.85 27.61 -15.01
CA GLN A 74 10.97 26.50 -14.68
C GLN A 74 11.76 25.37 -14.04
N VAL A 75 11.15 24.72 -13.04
CA VAL A 75 11.71 23.52 -12.45
C VAL A 75 10.60 22.50 -12.23
N SER A 76 10.95 21.21 -12.30
CA SER A 76 10.06 20.17 -11.83
C SER A 76 10.25 20.01 -10.32
N VAL A 77 9.15 19.92 -9.58
CA VAL A 77 9.15 19.91 -8.12
C VAL A 77 8.20 18.83 -7.65
N PRO A 78 8.60 17.98 -6.66
CA PRO A 78 7.66 17.04 -6.05
C PRO A 78 6.52 17.79 -5.37
N ILE A 79 5.29 17.25 -5.52
CA ILE A 79 4.09 17.90 -5.01
C ILE A 79 4.10 17.94 -3.48
N SER A 80 4.95 17.11 -2.86
CA SER A 80 5.10 17.12 -1.41
C SER A 80 5.77 18.40 -0.92
N SER A 81 6.46 19.12 -1.82
CA SER A 81 7.10 20.38 -1.46
C SER A 81 6.21 21.58 -1.78
N LEU A 82 5.01 21.33 -2.32
CA LEU A 82 4.10 22.40 -2.74
C LEU A 82 2.76 22.23 -2.03
N TRP A 83 1.96 23.30 -2.03
CA TRP A 83 0.53 23.17 -1.81
C TRP A 83 -0.13 22.74 -3.11
N VAL A 84 -1.08 21.80 -3.00
CA VAL A 84 -1.83 21.32 -4.16
C VAL A 84 -3.31 21.49 -3.83
N PRO A 85 -4.18 21.86 -4.80
CA PRO A 85 -5.61 21.91 -4.54
C PRO A 85 -6.18 20.55 -4.12
N ASP A 86 -7.12 20.58 -3.16
CA ASP A 86 -7.68 19.34 -2.60
C ASP A 86 -8.85 18.89 -3.45
N LEU A 87 -8.57 18.66 -4.75
CA LEU A 87 -9.58 18.25 -5.70
C LEU A 87 -9.97 16.80 -5.43
N ALA A 88 -11.26 16.52 -5.62
CA ALA A 88 -11.81 15.17 -5.61
C ALA A 88 -12.91 15.10 -6.66
N ALA A 89 -13.09 13.92 -7.27
CA ALA A 89 -14.24 13.69 -8.13
C ALA A 89 -15.41 13.27 -7.28
N TYR A 90 -16.50 14.04 -7.31
CA TYR A 90 -17.63 13.82 -6.42
C TYR A 90 -18.28 12.46 -6.66
N ASN A 91 -18.21 11.92 -7.88
CA ASN A 91 -18.92 10.70 -8.21
C ASN A 91 -17.97 9.53 -8.46
N ALA A 92 -16.74 9.62 -7.97
CA ALA A 92 -15.79 8.52 -8.08
C ALA A 92 -16.16 7.41 -7.09
N ILE A 93 -15.95 6.15 -7.50
CA ILE A 93 -16.23 5.01 -6.64
C ILE A 93 -14.96 4.19 -6.41
N SER A 94 -13.79 4.74 -6.80
CA SER A 94 -12.50 4.19 -6.39
C SER A 94 -11.52 5.33 -6.14
N LYS A 95 -10.48 5.05 -5.34
CA LYS A 95 -9.39 5.98 -5.12
C LYS A 95 -8.73 6.30 -6.47
N PRO A 96 -8.21 7.53 -6.65
CA PRO A 96 -7.44 7.84 -7.84
C PRO A 96 -6.14 7.05 -7.83
N GLU A 97 -5.91 6.28 -8.89
CA GLU A 97 -4.63 5.59 -9.08
C GLU A 97 -3.74 6.47 -9.96
N VAL A 98 -2.74 7.10 -9.33
CA VAL A 98 -1.84 8.01 -10.03
C VAL A 98 -0.72 7.19 -10.69
N LEU A 99 -0.69 7.25 -12.02
CA LEU A 99 0.17 6.39 -12.80
C LEU A 99 1.54 7.03 -13.01
N THR A 100 1.65 8.35 -12.82
CA THR A 100 2.83 9.09 -13.25
C THR A 100 3.62 9.61 -12.04
N PRO A 101 4.91 9.98 -12.23
CA PRO A 101 5.68 10.63 -11.17
C PRO A 101 5.00 11.87 -10.61
N GLN A 102 5.03 12.02 -9.29
CA GLN A 102 4.23 13.02 -8.62
C GLN A 102 5.02 14.32 -8.51
N LEU A 103 5.33 14.90 -9.68
CA LEU A 103 6.09 16.14 -9.79
C LEU A 103 5.21 17.16 -10.50
N ALA A 104 5.21 18.40 -9.99
CA ALA A 104 4.58 19.53 -10.63
C ALA A 104 5.63 20.37 -11.35
N ARG A 105 5.18 21.18 -12.30
CA ARG A 105 6.02 22.15 -12.96
C ARG A 105 5.76 23.52 -12.33
N VAL A 106 6.82 24.21 -11.92
CA VAL A 106 6.72 25.53 -11.31
C VAL A 106 7.42 26.54 -12.21
N VAL A 107 6.71 27.61 -12.57
CA VAL A 107 7.28 28.68 -13.38
C VAL A 107 7.71 29.81 -12.44
N SER A 108 8.71 30.60 -12.88
CA SER A 108 9.36 31.60 -12.05
C SER A 108 8.40 32.66 -11.52
N ASP A 109 7.20 32.77 -12.11
CA ASP A 109 6.20 33.75 -11.71
C ASP A 109 5.25 33.18 -10.66
N GLY A 110 5.44 31.91 -10.29
CA GLY A 110 4.63 31.27 -9.25
C GLY A 110 3.57 30.33 -9.83
N GLU A 111 3.52 30.21 -11.15
CA GLU A 111 2.50 29.39 -11.79
C GLU A 111 2.87 27.93 -11.60
N VAL A 112 1.88 27.09 -11.28
CA VAL A 112 2.12 25.66 -11.08
C VAL A 112 1.24 24.87 -12.06
N LEU A 113 1.86 23.94 -12.78
CA LEU A 113 1.15 22.96 -13.60
C LEU A 113 1.40 21.58 -13.01
N TYR A 114 0.34 20.95 -12.49
CA TYR A 114 0.39 19.55 -12.08
C TYR A 114 -0.53 18.78 -13.02
N MET A 115 0.00 17.69 -13.60
CA MET A 115 -0.72 16.93 -14.61
C MET A 115 -0.52 15.44 -14.38
N PRO A 116 -1.17 14.87 -13.34
CA PRO A 116 -1.12 13.42 -13.11
C PRO A 116 -1.93 12.70 -14.19
N SER A 117 -1.42 11.56 -14.66
CA SER A 117 -2.25 10.57 -15.32
C SER A 117 -2.93 9.74 -14.23
N ILE A 118 -4.26 9.63 -14.32
CA ILE A 118 -5.08 9.00 -13.29
C ILE A 118 -6.00 7.97 -13.94
N ARG A 119 -5.96 6.75 -13.38
CA ARG A 119 -6.97 5.73 -13.61
C ARG A 119 -7.94 5.77 -12.44
N GLN A 120 -9.24 5.77 -12.74
CA GLN A 120 -10.25 5.87 -11.72
C GLN A 120 -11.60 5.36 -12.21
N ARG A 121 -12.39 4.80 -11.29
CA ARG A 121 -13.72 4.30 -11.57
C ARG A 121 -14.76 5.33 -11.14
N PHE A 122 -15.80 5.49 -11.96
CA PHE A 122 -16.85 6.48 -11.73
C PHE A 122 -18.23 5.86 -11.88
N SER A 123 -19.16 6.40 -11.07
CA SER A 123 -20.58 6.12 -11.19
C SER A 123 -21.22 7.21 -12.02
N CYS A 124 -21.71 6.83 -13.21
CA CYS A 124 -22.24 7.82 -14.15
C CYS A 124 -23.10 7.10 -15.18
N ASP A 125 -23.73 7.87 -16.07
CA ASP A 125 -24.73 7.35 -16.99
C ASP A 125 -24.06 6.66 -18.17
N VAL A 126 -24.22 5.33 -18.23
CA VAL A 126 -23.66 4.54 -19.30
C VAL A 126 -24.74 4.16 -20.31
N SER A 127 -25.97 4.61 -20.08
CA SER A 127 -27.05 4.32 -21.01
C SER A 127 -26.73 4.96 -22.36
N GLY A 128 -26.99 4.21 -23.44
CA GLY A 128 -26.79 4.68 -24.80
C GLY A 128 -25.42 4.30 -25.36
N VAL A 129 -24.57 3.67 -24.54
CA VAL A 129 -23.17 3.49 -24.89
C VAL A 129 -23.01 2.64 -26.16
N ASP A 130 -24.05 1.85 -26.49
CA ASP A 130 -23.95 0.86 -27.55
C ASP A 130 -24.73 1.36 -28.78
N THR A 131 -25.04 2.66 -28.80
CA THR A 131 -25.77 3.28 -29.90
C THR A 131 -24.86 4.29 -30.60
N GLU A 132 -25.32 4.83 -31.73
CA GLU A 132 -24.53 5.78 -32.49
C GLU A 132 -24.38 7.09 -31.72
N SER A 133 -25.45 7.53 -31.04
CA SER A 133 -25.41 8.77 -30.27
C SER A 133 -24.67 8.57 -28.95
N GLY A 134 -24.54 7.32 -28.49
CA GLY A 134 -23.61 6.98 -27.42
C GLY A 134 -24.10 7.40 -26.04
N ALA A 135 -23.25 7.18 -25.04
CA ALA A 135 -23.55 7.51 -23.65
C ALA A 135 -22.96 8.88 -23.30
N THR A 136 -23.43 9.47 -22.19
CA THR A 136 -22.88 10.71 -21.68
C THR A 136 -22.61 10.56 -20.18
N CYS A 137 -21.32 10.41 -19.85
CA CYS A 137 -20.85 10.21 -18.49
C CYS A 137 -20.28 11.52 -17.93
N ARG A 138 -20.92 12.06 -16.89
CA ARG A 138 -20.50 13.32 -16.31
C ARG A 138 -19.65 13.05 -15.05
N ILE A 139 -18.44 13.64 -15.04
CA ILE A 139 -17.53 13.61 -13.90
C ILE A 139 -17.52 15.00 -13.28
N LYS A 140 -17.83 15.09 -11.98
CA LYS A 140 -17.78 16.33 -11.25
C LYS A 140 -16.50 16.38 -10.42
N ILE A 141 -15.68 17.43 -10.66
CA ILE A 141 -14.43 17.62 -9.94
C ILE A 141 -14.37 19.03 -9.37
N GLY A 142 -14.19 19.10 -8.04
CA GLY A 142 -13.95 20.34 -7.33
C GLY A 142 -13.22 20.09 -6.00
N SER A 143 -12.99 21.18 -5.26
CA SER A 143 -12.34 21.13 -3.96
C SER A 143 -13.21 20.36 -2.99
N TRP A 144 -12.58 19.55 -2.13
CA TRP A 144 -13.33 18.78 -1.16
C TRP A 144 -13.64 19.61 0.08
N THR A 145 -12.73 20.50 0.50
CA THR A 145 -12.87 21.20 1.78
C THR A 145 -12.85 22.72 1.64
N HIS A 146 -12.60 23.26 0.44
CA HIS A 146 -12.51 24.71 0.27
C HIS A 146 -13.66 25.25 -0.57
N HIS A 147 -14.43 26.18 0.01
CA HIS A 147 -15.61 26.75 -0.63
C HIS A 147 -15.20 27.87 -1.58
N SER A 148 -16.23 28.49 -2.22
CA SER A 148 -16.07 29.41 -3.32
C SER A 148 -15.17 30.61 -2.98
N ARG A 149 -15.18 31.07 -1.72
CA ARG A 149 -14.32 32.18 -1.33
C ARG A 149 -12.87 31.73 -1.17
N GLU A 150 -12.64 30.41 -1.03
CA GLU A 150 -11.30 29.90 -0.77
C GLU A 150 -10.67 29.41 -2.07
N ILE A 151 -11.34 28.47 -2.75
CA ILE A 151 -10.90 27.99 -4.05
C ILE A 151 -12.01 28.24 -5.07
N SER A 152 -11.62 28.68 -6.26
CA SER A 152 -12.52 28.72 -7.39
C SER A 152 -12.03 27.72 -8.43
N VAL A 153 -12.97 27.10 -9.14
CA VAL A 153 -12.64 26.10 -10.15
C VAL A 153 -13.24 26.54 -11.49
N ASP A 154 -12.42 26.42 -12.53
CA ASP A 154 -12.79 26.79 -13.89
C ASP A 154 -12.17 25.81 -14.88
N PRO A 155 -12.86 25.46 -15.98
CA PRO A 155 -12.26 24.65 -17.03
C PRO A 155 -11.21 25.45 -17.78
N THR A 156 -10.28 24.73 -18.41
CA THR A 156 -9.41 25.28 -19.42
C THR A 156 -10.11 25.07 -20.77
N THR A 157 -11.22 25.78 -20.98
CA THR A 157 -12.02 25.65 -22.19
C THR A 157 -11.32 26.37 -23.34
N GLU A 158 -10.23 25.77 -23.82
CA GLU A 158 -9.39 26.35 -24.86
C GLU A 158 -10.00 25.99 -26.22
N ASN A 159 -9.15 25.59 -27.16
CA ASN A 159 -9.57 24.91 -28.38
C ASN A 159 -9.27 23.43 -28.22
N SER A 160 -9.59 22.89 -27.04
CA SER A 160 -9.18 21.56 -26.63
C SER A 160 -9.88 20.50 -27.48
N ASP A 161 -9.09 19.58 -28.05
CA ASP A 161 -9.62 18.48 -28.85
C ASP A 161 -9.93 17.30 -27.94
N ASP A 162 -10.91 16.49 -28.35
CA ASP A 162 -11.44 15.40 -27.53
C ASP A 162 -10.50 14.20 -27.56
N SER A 163 -10.29 13.66 -28.78
CA SER A 163 -9.58 12.41 -28.99
C SER A 163 -8.10 12.64 -29.31
N GLU A 164 -7.59 13.85 -29.03
CA GLU A 164 -6.24 14.19 -29.45
C GLU A 164 -5.25 13.18 -28.87
N TYR A 165 -5.42 12.84 -27.58
CA TYR A 165 -4.50 11.96 -26.87
C TYR A 165 -5.16 10.61 -26.56
N PHE A 166 -6.34 10.36 -27.10
CA PHE A 166 -7.10 9.18 -26.73
C PHE A 166 -6.56 7.97 -27.46
N SER A 167 -6.43 6.84 -26.74
CA SER A 167 -5.89 5.61 -27.29
C SER A 167 -6.76 5.10 -28.44
N GLN A 168 -6.12 4.78 -29.57
CA GLN A 168 -6.84 4.22 -30.71
C GLN A 168 -7.17 2.75 -30.45
N TYR A 169 -6.66 2.19 -29.34
CA TYR A 169 -6.75 0.76 -29.08
C TYR A 169 -7.89 0.46 -28.10
N SER A 170 -8.51 1.51 -27.57
CA SER A 170 -9.71 1.38 -26.76
C SER A 170 -10.84 0.76 -27.58
N ARG A 171 -11.78 0.11 -26.89
CA ARG A 171 -12.96 -0.45 -27.53
C ARG A 171 -14.03 0.63 -27.68
N PHE A 172 -13.77 1.79 -27.06
CA PHE A 172 -14.67 2.93 -27.12
C PHE A 172 -14.00 4.06 -27.89
N GLU A 173 -14.81 5.04 -28.28
CA GLU A 173 -14.31 6.25 -28.92
C GLU A 173 -15.06 7.46 -28.38
N ILE A 174 -14.38 8.61 -28.40
CA ILE A 174 -14.92 9.86 -27.89
C ILE A 174 -15.70 10.51 -29.03
N LEU A 175 -16.94 10.92 -28.74
CA LEU A 175 -17.72 11.73 -29.66
C LEU A 175 -17.50 13.21 -29.36
N ASP A 176 -17.55 13.56 -28.07
CA ASP A 176 -17.42 14.94 -27.62
C ASP A 176 -17.08 14.95 -26.14
N VAL A 177 -16.45 16.06 -25.70
CA VAL A 177 -16.19 16.36 -24.30
C VAL A 177 -16.42 17.84 -24.08
N THR A 178 -17.43 18.20 -23.28
CA THR A 178 -17.62 19.59 -22.86
C THR A 178 -17.33 19.71 -21.36
N GLN A 179 -16.54 20.72 -21.01
CA GLN A 179 -16.16 20.97 -19.63
C GLN A 179 -16.76 22.31 -19.22
N LYS A 180 -17.77 22.26 -18.33
CA LYS A 180 -18.54 23.44 -17.95
C LYS A 180 -18.41 23.70 -16.45
N LYS A 181 -18.37 24.99 -16.10
CA LYS A 181 -18.28 25.44 -14.73
C LYS A 181 -19.60 25.14 -14.03
N ASN A 182 -19.51 24.87 -12.73
CA ASN A 182 -20.69 24.54 -11.93
C ASN A 182 -20.40 24.84 -10.47
N SER A 183 -21.45 24.77 -9.64
CA SER A 183 -21.25 24.79 -8.19
C SER A 183 -22.29 23.89 -7.52
N VAL A 184 -21.80 22.96 -6.68
CA VAL A 184 -22.65 22.18 -5.80
C VAL A 184 -22.77 22.97 -4.49
N THR A 185 -23.83 22.69 -3.74
CA THR A 185 -24.02 23.25 -2.41
C THR A 185 -24.81 22.23 -1.60
N TYR A 186 -24.28 21.87 -0.42
CA TYR A 186 -24.74 20.70 0.30
C TYR A 186 -25.63 21.14 1.47
N SER A 187 -26.77 20.44 1.62
CA SER A 187 -27.83 20.83 2.54
C SER A 187 -27.33 20.72 3.98
N CYS A 188 -27.20 21.90 4.62
CA CYS A 188 -26.64 22.06 5.96
C CYS A 188 -26.19 23.50 6.14
N CYS A 189 -25.40 23.95 5.16
CA CYS A 189 -24.45 25.03 5.33
C CYS A 189 -24.66 26.06 4.22
N PRO A 190 -24.37 27.36 4.45
CA PRO A 190 -24.43 28.36 3.38
C PRO A 190 -23.08 28.51 2.68
N GLU A 191 -22.60 27.40 2.10
CA GLU A 191 -21.29 27.33 1.49
C GLU A 191 -21.41 26.59 0.16
N ALA A 192 -21.06 27.26 -0.93
CA ALA A 192 -21.08 26.67 -2.27
C ALA A 192 -19.70 26.16 -2.63
N TYR A 193 -19.64 24.96 -3.23
CA TYR A 193 -18.39 24.34 -3.63
C TYR A 193 -18.34 24.28 -5.15
N GLU A 194 -17.44 25.05 -5.76
CA GLU A 194 -17.33 25.13 -7.20
C GLU A 194 -16.78 23.81 -7.76
N ASP A 195 -17.17 23.50 -8.99
CA ASP A 195 -16.73 22.28 -9.65
C ASP A 195 -16.76 22.48 -11.17
N VAL A 196 -15.99 21.65 -11.87
CA VAL A 196 -16.10 21.47 -13.30
C VAL A 196 -16.88 20.19 -13.56
N GLU A 197 -17.96 20.28 -14.35
CA GLU A 197 -18.68 19.12 -14.84
C GLU A 197 -18.15 18.76 -16.23
N VAL A 198 -17.51 17.58 -16.33
CA VAL A 198 -16.91 17.12 -17.57
C VAL A 198 -17.83 16.06 -18.18
N SER A 199 -18.52 16.42 -19.26
CA SER A 199 -19.43 15.53 -19.95
C SER A 199 -18.67 14.75 -21.01
N LEU A 200 -18.47 13.46 -20.76
CA LEU A 200 -17.75 12.59 -21.68
C LEU A 200 -18.75 11.81 -22.54
N ASN A 201 -18.93 12.26 -23.78
CA ASN A 201 -19.86 11.63 -24.70
C ASN A 201 -19.09 10.61 -25.54
N PHE A 202 -19.32 9.31 -25.26
CA PHE A 202 -18.53 8.24 -25.84
C PHE A 202 -19.46 7.10 -26.25
N ARG A 203 -18.98 6.24 -27.15
CA ARG A 203 -19.70 5.04 -27.55
C ARG A 203 -18.74 3.89 -27.81
N LYS A 204 -19.27 2.67 -27.76
CA LYS A 204 -18.54 1.48 -28.18
C LYS A 204 -18.36 1.54 -29.70
N LYS A 205 -17.17 1.15 -30.17
CA LYS A 205 -16.87 1.07 -31.59
C LYS A 205 -17.56 -0.13 -32.23
N GLY A 206 -18.15 0.07 -33.41
CA GLY A 206 -18.64 -1.02 -34.25
C GLY A 206 -20.15 -0.95 -34.47
N ARG A 207 -20.62 -1.70 -35.47
CA ARG A 207 -22.02 -1.71 -35.87
C ARG A 207 -22.83 -2.53 -34.85
N SER B 1 -4.52 41.18 12.24
CA SER B 1 -3.09 40.79 12.28
C SER B 1 -2.96 39.28 12.50
N LEU B 2 -3.45 38.51 11.53
CA LEU B 2 -3.33 37.05 11.54
C LEU B 2 -3.86 36.49 10.22
N ASP B 3 -3.08 35.61 9.59
CA ASP B 3 -3.44 34.99 8.32
C ASP B 3 -3.66 33.50 8.55
N ARG B 4 -3.79 32.72 7.46
CA ARG B 4 -4.08 31.30 7.56
C ARG B 4 -2.85 30.53 8.01
N ALA B 5 -1.65 30.97 7.57
CA ALA B 5 -0.41 30.32 7.94
C ALA B 5 -0.23 30.37 9.46
N ASP B 6 -0.53 31.53 10.04
CA ASP B 6 -0.47 31.76 11.48
C ASP B 6 -1.40 30.79 12.20
N ILE B 7 -2.63 30.63 11.67
CA ILE B 7 -3.62 29.76 12.26
C ILE B 7 -3.10 28.32 12.27
N LEU B 8 -2.44 27.89 11.18
CA LEU B 8 -1.93 26.54 11.10
C LEU B 8 -0.77 26.37 12.08
N TYR B 9 0.14 27.35 12.14
CA TYR B 9 1.30 27.26 13.00
C TYR B 9 0.84 27.11 14.46
N ASN B 10 -0.17 27.89 14.84
CA ASN B 10 -0.70 27.88 16.19
C ASN B 10 -1.39 26.53 16.48
N ILE B 11 -2.11 25.99 15.50
CA ILE B 11 -2.75 24.70 15.65
C ILE B 11 -1.68 23.64 15.89
N ARG B 12 -0.62 23.66 15.08
CA ARG B 12 0.45 22.67 15.18
C ARG B 12 0.94 22.52 16.62
N GLN B 13 1.16 23.66 17.31
CA GLN B 13 1.83 23.65 18.60
C GLN B 13 0.85 23.37 19.75
N THR B 14 -0.42 23.73 19.56
CA THR B 14 -1.45 23.44 20.55
C THR B 14 -1.98 22.02 20.35
N SER B 15 -2.05 21.57 19.10
CA SER B 15 -2.69 20.31 18.75
C SER B 15 -1.83 19.11 19.18
N ARG B 16 -2.45 18.22 19.95
CA ARG B 16 -1.88 16.94 20.32
C ARG B 16 -2.69 15.86 19.61
N PRO B 17 -2.27 15.38 18.42
CA PRO B 17 -3.02 14.37 17.66
C PRO B 17 -3.23 13.02 18.33
N ASP B 18 -2.41 12.70 19.34
CA ASP B 18 -2.49 11.41 20.00
C ASP B 18 -3.07 11.57 21.40
N VAL B 19 -3.68 12.74 21.67
CA VAL B 19 -4.30 13.02 22.95
C VAL B 19 -5.75 13.41 22.69
N ILE B 20 -6.68 12.59 23.20
CA ILE B 20 -8.09 12.92 23.12
C ILE B 20 -8.34 14.16 23.94
N PRO B 21 -8.93 15.24 23.38
CA PRO B 21 -9.14 16.47 24.12
C PRO B 21 -10.38 16.46 25.01
N THR B 22 -10.42 15.53 25.97
CA THR B 22 -11.48 15.51 26.97
C THR B 22 -11.35 16.79 27.79
N GLN B 23 -12.50 17.30 28.25
CA GLN B 23 -12.55 18.57 28.96
C GLN B 23 -13.13 18.31 30.35
N ARG B 24 -12.30 18.55 31.38
CA ARG B 24 -12.65 18.26 32.77
C ARG B 24 -12.79 16.75 32.93
N ASP B 25 -14.03 16.26 33.09
CA ASP B 25 -14.30 14.84 33.26
C ASP B 25 -15.25 14.33 32.19
N ARG B 26 -15.61 15.18 31.23
CA ARG B 26 -16.63 14.85 30.24
C ARG B 26 -16.01 13.97 29.15
N PRO B 27 -16.79 13.05 28.54
CA PRO B 27 -16.40 12.44 27.26
C PRO B 27 -16.43 13.47 26.14
N VAL B 28 -15.67 13.22 25.07
CA VAL B 28 -15.71 14.04 23.88
C VAL B 28 -16.91 13.58 23.07
N ALA B 29 -17.80 14.53 22.74
CA ALA B 29 -19.05 14.22 22.07
C ALA B 29 -18.81 14.18 20.56
N VAL B 30 -18.72 12.97 20.01
CA VAL B 30 -18.56 12.73 18.59
C VAL B 30 -19.95 12.47 18.02
N SER B 31 -20.30 13.18 16.94
CA SER B 31 -21.55 12.90 16.26
C SER B 31 -21.25 12.43 14.83
N VAL B 32 -21.99 11.41 14.39
CA VAL B 32 -21.64 10.65 13.21
C VAL B 32 -22.88 10.42 12.37
N SER B 33 -22.75 10.68 11.06
CA SER B 33 -23.85 10.57 10.12
C SER B 33 -23.32 10.11 8.77
N LEU B 34 -23.90 9.03 8.24
CA LEU B 34 -23.48 8.47 6.96
C LEU B 34 -24.45 8.96 5.89
N LYS B 35 -23.91 9.67 4.89
CA LYS B 35 -24.67 10.06 3.71
C LYS B 35 -24.33 9.07 2.59
N PHE B 36 -25.24 8.13 2.34
CA PHE B 36 -25.01 7.04 1.40
C PHE B 36 -24.99 7.59 -0.03
N ILE B 37 -23.94 7.26 -0.78
CA ILE B 37 -23.73 7.80 -2.11
C ILE B 37 -23.90 6.69 -3.14
N ASN B 38 -23.45 5.48 -2.83
CA ASN B 38 -23.58 4.40 -3.79
C ASN B 38 -23.59 3.04 -3.08
N ILE B 39 -24.17 2.06 -3.77
CA ILE B 39 -24.20 0.68 -3.34
C ILE B 39 -23.76 -0.16 -4.54
N LEU B 40 -22.59 -0.79 -4.41
CA LEU B 40 -21.93 -1.41 -5.54
C LEU B 40 -22.18 -2.92 -5.49
N GLU B 41 -21.14 -3.75 -5.44
CA GLU B 41 -21.33 -5.18 -5.38
C GLU B 41 -22.24 -5.51 -4.18
N VAL B 42 -23.26 -6.32 -4.44
CA VAL B 42 -24.08 -6.91 -3.39
C VAL B 42 -24.15 -8.41 -3.65
N ASN B 43 -23.99 -9.22 -2.61
CA ASN B 43 -23.99 -10.67 -2.77
C ASN B 43 -24.88 -11.27 -1.68
N GLU B 44 -26.02 -11.83 -2.12
CA GLU B 44 -27.05 -12.29 -1.20
C GLU B 44 -26.69 -13.67 -0.64
N ILE B 45 -25.99 -14.48 -1.43
CA ILE B 45 -25.52 -15.78 -0.97
C ILE B 45 -24.58 -15.58 0.22
N THR B 46 -23.78 -14.51 0.20
CA THR B 46 -22.68 -14.35 1.13
C THR B 46 -22.99 -13.31 2.21
N ASN B 47 -24.03 -12.49 1.99
CA ASN B 47 -24.39 -11.37 2.86
C ASN B 47 -23.21 -10.40 2.97
N GLU B 48 -22.79 -9.84 1.84
CA GLU B 48 -21.75 -8.82 1.82
C GLU B 48 -22.17 -7.70 0.87
N VAL B 49 -21.82 -6.47 1.27
CA VAL B 49 -22.23 -5.27 0.54
C VAL B 49 -21.03 -4.33 0.48
N ASP B 50 -20.84 -3.71 -0.69
CA ASP B 50 -19.81 -2.72 -0.91
C ASP B 50 -20.51 -1.38 -1.01
N VAL B 51 -20.13 -0.41 -0.16
CA VAL B 51 -20.87 0.82 -0.05
C VAL B 51 -19.92 2.01 -0.13
N VAL B 52 -20.36 3.08 -0.81
CA VAL B 52 -19.66 4.35 -0.76
C VAL B 52 -20.56 5.32 0.02
N PHE B 53 -19.95 6.08 0.94
CA PHE B 53 -20.70 6.98 1.80
C PHE B 53 -19.78 8.08 2.30
N TRP B 54 -20.37 9.25 2.54
CA TRP B 54 -19.69 10.33 3.24
C TRP B 54 -19.95 10.20 4.74
N GLN B 55 -18.87 10.01 5.50
CA GLN B 55 -18.95 9.89 6.95
C GLN B 55 -18.80 11.28 7.57
N GLN B 56 -19.94 11.98 7.74
CA GLN B 56 -19.94 13.28 8.39
C GLN B 56 -19.63 13.10 9.87
N THR B 57 -18.43 13.57 10.28
CA THR B 57 -17.93 13.40 11.63
C THR B 57 -17.63 14.77 12.22
N THR B 58 -18.26 15.09 13.34
CA THR B 58 -18.05 16.38 14.00
C THR B 58 -17.78 16.19 15.48
N TRP B 59 -16.98 17.12 16.03
CA TRP B 59 -16.64 17.13 17.44
C TRP B 59 -15.97 18.46 17.78
N SER B 60 -15.79 18.68 19.09
CA SER B 60 -15.20 19.91 19.60
C SER B 60 -13.81 19.64 20.16
N ASP B 61 -12.86 20.53 19.86
CA ASP B 61 -11.52 20.50 20.44
C ASP B 61 -11.10 21.94 20.72
N ARG B 62 -11.15 22.34 21.98
CA ARG B 62 -10.96 23.73 22.35
C ARG B 62 -9.47 24.08 22.35
N THR B 63 -8.60 23.07 22.32
CA THR B 63 -7.17 23.32 22.21
C THR B 63 -6.88 24.02 20.88
N LEU B 64 -7.74 23.78 19.86
CA LEU B 64 -7.53 24.31 18.52
C LEU B 64 -8.02 25.75 18.39
N ALA B 65 -8.80 26.24 19.36
CA ALA B 65 -9.55 27.48 19.20
C ALA B 65 -8.59 28.67 19.05
N TRP B 66 -9.04 29.71 18.33
CA TRP B 66 -8.29 30.95 18.20
C TRP B 66 -9.24 32.14 18.08
N ASP B 67 -8.65 33.35 18.13
CA ASP B 67 -9.40 34.59 18.03
C ASP B 67 -9.55 34.94 16.55
N SER B 68 -10.80 35.11 16.10
CA SER B 68 -11.11 35.32 14.69
C SER B 68 -11.72 36.71 14.47
N SER B 69 -11.24 37.70 15.24
CA SER B 69 -11.71 39.08 15.13
C SER B 69 -11.23 39.67 13.80
N HIS B 70 -9.92 39.55 13.55
CA HIS B 70 -9.30 40.07 12.34
C HIS B 70 -8.51 38.94 11.67
N SER B 71 -9.18 37.80 11.46
CA SER B 71 -8.60 36.67 10.76
C SER B 71 -9.72 35.72 10.31
N PRO B 72 -9.43 34.80 9.36
CA PRO B 72 -10.39 33.75 9.00
C PRO B 72 -10.84 32.98 10.24
N ASP B 73 -12.11 32.52 10.24
CA ASP B 73 -12.67 31.82 11.39
C ASP B 73 -12.86 30.34 11.06
N GLN B 74 -12.17 29.87 9.99
CA GLN B 74 -12.27 28.49 9.55
C GLN B 74 -11.07 28.20 8.65
N VAL B 75 -10.45 27.03 8.81
CA VAL B 75 -9.35 26.59 7.95
C VAL B 75 -9.50 25.11 7.63
N SER B 76 -8.94 24.70 6.49
CA SER B 76 -8.78 23.29 6.16
C SER B 76 -7.41 22.84 6.66
N VAL B 77 -7.39 21.75 7.42
CA VAL B 77 -6.20 21.27 8.11
C VAL B 77 -6.08 19.76 7.86
N PRO B 78 -4.88 19.23 7.55
CA PRO B 78 -4.73 17.78 7.36
C PRO B 78 -4.96 17.08 8.70
N ILE B 79 -5.61 15.91 8.67
CA ILE B 79 -6.09 15.26 9.88
C ILE B 79 -4.92 14.73 10.70
N SER B 80 -3.76 14.54 10.06
CA SER B 80 -2.54 14.15 10.76
C SER B 80 -2.06 15.25 11.72
N SER B 81 -2.53 16.50 11.56
CA SER B 81 -2.11 17.60 12.41
C SER B 81 -3.05 17.80 13.60
N LEU B 82 -4.08 16.94 13.72
CA LEU B 82 -5.01 17.08 14.83
C LEU B 82 -5.49 15.72 15.31
N TRP B 83 -6.12 15.72 16.49
CA TRP B 83 -6.71 14.52 17.05
C TRP B 83 -8.01 14.22 16.31
N VAL B 84 -8.20 12.92 16.00
CA VAL B 84 -9.36 12.43 15.26
C VAL B 84 -9.90 11.21 16.00
N PRO B 85 -11.24 11.05 16.13
CA PRO B 85 -11.79 9.90 16.84
C PRO B 85 -11.40 8.63 16.10
N ASP B 86 -11.12 7.57 16.87
CA ASP B 86 -10.68 6.29 16.34
C ASP B 86 -11.92 5.46 16.01
N LEU B 87 -12.73 5.96 15.06
CA LEU B 87 -13.97 5.30 14.69
C LEU B 87 -13.67 4.02 13.92
N ALA B 88 -14.59 3.06 14.07
CA ALA B 88 -14.50 1.77 13.39
C ALA B 88 -15.89 1.20 13.17
N ALA B 89 -16.13 0.71 11.95
CA ALA B 89 -17.28 -0.12 11.67
C ALA B 89 -17.00 -1.52 12.19
N TYR B 90 -17.87 -2.03 13.08
CA TYR B 90 -17.68 -3.30 13.76
C TYR B 90 -17.87 -4.45 12.77
N ASN B 91 -18.84 -4.29 11.85
CA ASN B 91 -19.20 -5.37 10.93
C ASN B 91 -18.57 -5.13 9.55
N ALA B 92 -17.43 -4.41 9.51
CA ALA B 92 -16.71 -4.17 8.27
C ALA B 92 -15.77 -5.33 8.02
N ILE B 93 -15.62 -5.72 6.74
CA ILE B 93 -14.75 -6.82 6.39
C ILE B 93 -13.64 -6.37 5.44
N SER B 94 -13.49 -5.04 5.30
CA SER B 94 -12.37 -4.44 4.58
C SER B 94 -11.98 -3.12 5.23
N LYS B 95 -10.68 -2.78 5.15
CA LYS B 95 -10.19 -1.48 5.54
C LYS B 95 -11.03 -0.41 4.84
N PRO B 96 -11.33 0.72 5.51
CA PRO B 96 -12.01 1.83 4.85
C PRO B 96 -11.07 2.44 3.82
N GLU B 97 -11.50 2.49 2.56
CA GLU B 97 -10.77 3.12 1.49
C GLU B 97 -11.23 4.58 1.40
N VAL B 98 -10.36 5.52 1.78
CA VAL B 98 -10.70 6.93 1.79
C VAL B 98 -10.42 7.52 0.41
N LEU B 99 -11.48 8.04 -0.22
CA LEU B 99 -11.47 8.44 -1.61
C LEU B 99 -11.13 9.93 -1.78
N THR B 100 -11.17 10.70 -0.68
CA THR B 100 -11.04 12.15 -0.73
C THR B 100 -9.78 12.63 -0.03
N PRO B 101 -9.31 13.87 -0.27
CA PRO B 101 -8.22 14.44 0.51
C PRO B 101 -8.55 14.41 2.00
N GLN B 102 -7.55 14.05 2.80
CA GLN B 102 -7.76 13.77 4.22
C GLN B 102 -7.55 15.07 4.99
N LEU B 103 -8.44 16.03 4.72
CA LEU B 103 -8.43 17.36 5.30
C LEU B 103 -9.70 17.50 6.13
N ALA B 104 -9.57 18.11 7.31
CA ALA B 104 -10.72 18.42 8.14
C ALA B 104 -10.90 19.93 8.24
N ARG B 105 -12.14 20.36 8.50
CA ARG B 105 -12.45 21.77 8.71
C ARG B 105 -12.41 22.07 10.19
N VAL B 106 -11.68 23.12 10.56
CA VAL B 106 -11.60 23.60 11.93
C VAL B 106 -12.15 25.03 11.98
N VAL B 107 -13.16 25.22 12.83
CA VAL B 107 -13.73 26.54 13.09
C VAL B 107 -12.98 27.12 14.29
N SER B 108 -12.96 28.47 14.39
CA SER B 108 -12.13 29.15 15.38
C SER B 108 -12.60 28.91 16.82
N ASP B 109 -13.81 28.36 17.00
CA ASP B 109 -14.26 27.96 18.32
C ASP B 109 -13.75 26.56 18.64
N GLY B 110 -13.14 25.89 17.66
CA GLY B 110 -12.54 24.58 17.87
C GLY B 110 -13.46 23.44 17.41
N GLU B 111 -14.59 23.79 16.79
CA GLU B 111 -15.45 22.81 16.17
C GLU B 111 -14.73 22.23 14.96
N VAL B 112 -14.77 20.91 14.83
CA VAL B 112 -14.08 20.22 13.75
C VAL B 112 -15.13 19.46 12.95
N LEU B 113 -15.07 19.59 11.61
CA LEU B 113 -15.84 18.74 10.71
C LEU B 113 -14.84 17.96 9.86
N TYR B 114 -15.00 16.63 9.85
CA TYR B 114 -14.22 15.76 8.99
C TYR B 114 -15.22 14.84 8.28
N MET B 115 -15.12 14.76 6.95
CA MET B 115 -16.15 14.10 6.16
C MET B 115 -15.54 13.38 4.96
N PRO B 116 -14.81 12.26 5.20
CA PRO B 116 -14.25 11.49 4.10
C PRO B 116 -15.34 10.75 3.32
N SER B 117 -15.17 10.68 2.00
CA SER B 117 -15.86 9.69 1.22
C SER B 117 -15.16 8.36 1.45
N ILE B 118 -15.91 7.36 1.96
CA ILE B 118 -15.33 6.06 2.28
C ILE B 118 -16.00 4.98 1.43
N ARG B 119 -15.18 4.06 0.93
CA ARG B 119 -15.65 2.86 0.28
C ARG B 119 -15.23 1.64 1.11
N GLN B 120 -16.21 0.82 1.52
CA GLN B 120 -15.96 -0.22 2.49
C GLN B 120 -16.98 -1.35 2.33
N ARG B 121 -16.54 -2.57 2.62
CA ARG B 121 -17.34 -3.77 2.45
C ARG B 121 -17.78 -4.24 3.84
N PHE B 122 -19.03 -4.67 3.94
CA PHE B 122 -19.65 -4.99 5.21
C PHE B 122 -20.25 -6.39 5.17
N SER B 123 -20.26 -7.05 6.33
CA SER B 123 -21.08 -8.22 6.57
C SER B 123 -22.39 -7.76 7.20
N CYS B 124 -23.50 -7.92 6.48
CA CYS B 124 -24.80 -7.49 6.98
C CYS B 124 -25.93 -8.21 6.23
N ASP B 125 -27.17 -8.06 6.71
CA ASP B 125 -28.28 -8.84 6.16
C ASP B 125 -28.67 -8.29 4.79
N VAL B 126 -28.32 -9.05 3.75
CA VAL B 126 -28.59 -8.67 2.36
C VAL B 126 -29.86 -9.35 1.85
N SER B 127 -30.34 -10.39 2.55
CA SER B 127 -31.56 -11.06 2.14
C SER B 127 -32.69 -10.03 2.04
N GLY B 128 -33.47 -10.12 0.95
CA GLY B 128 -34.59 -9.21 0.72
C GLY B 128 -34.27 -8.15 -0.34
N VAL B 129 -33.00 -8.06 -0.75
CA VAL B 129 -32.53 -7.01 -1.64
C VAL B 129 -33.36 -6.99 -2.94
N ASP B 130 -33.78 -8.18 -3.39
CA ASP B 130 -34.57 -8.32 -4.59
C ASP B 130 -36.02 -8.63 -4.18
N THR B 131 -36.57 -7.76 -3.34
CA THR B 131 -37.95 -7.83 -2.90
C THR B 131 -38.47 -6.40 -2.72
N GLU B 132 -39.79 -6.26 -2.56
CA GLU B 132 -40.46 -4.97 -2.46
C GLU B 132 -39.97 -4.22 -1.21
N SER B 133 -39.99 -4.91 -0.07
CA SER B 133 -39.69 -4.30 1.22
C SER B 133 -38.18 -4.13 1.40
N GLY B 134 -37.40 -4.85 0.59
CA GLY B 134 -35.98 -4.58 0.44
C GLY B 134 -35.16 -5.22 1.56
N ALA B 135 -33.84 -5.10 1.46
CA ALA B 135 -32.91 -5.56 2.48
C ALA B 135 -32.72 -4.45 3.51
N THR B 136 -32.35 -4.85 4.73
CA THR B 136 -31.91 -3.88 5.73
C THR B 136 -30.53 -4.30 6.22
N CYS B 137 -29.53 -3.49 5.86
CA CYS B 137 -28.14 -3.70 6.21
C CYS B 137 -27.78 -2.75 7.36
N ARG B 138 -27.36 -3.33 8.50
CA ARG B 138 -27.02 -2.56 9.68
C ARG B 138 -25.50 -2.38 9.76
N ILE B 139 -25.06 -1.12 9.90
CA ILE B 139 -23.65 -0.75 10.03
C ILE B 139 -23.41 -0.12 11.40
N LYS B 140 -22.59 -0.78 12.22
CA LYS B 140 -22.31 -0.29 13.57
C LYS B 140 -20.97 0.45 13.56
N ILE B 141 -20.99 1.71 13.99
CA ILE B 141 -19.82 2.57 14.00
C ILE B 141 -19.62 3.14 15.40
N GLY B 142 -18.42 2.96 15.96
CA GLY B 142 -18.06 3.57 17.23
C GLY B 142 -16.54 3.57 17.43
N SER B 143 -16.10 4.20 18.53
CA SER B 143 -14.69 4.22 18.91
C SER B 143 -14.22 2.80 19.24
N TRP B 144 -13.00 2.49 18.78
CA TRP B 144 -12.43 1.18 18.98
C TRP B 144 -11.80 1.07 20.38
N THR B 145 -11.18 2.15 20.87
CA THR B 145 -10.41 2.07 22.11
C THR B 145 -10.91 3.02 23.20
N HIS B 146 -11.83 3.94 22.90
CA HIS B 146 -12.34 4.87 23.91
C HIS B 146 -13.74 4.47 24.36
N HIS B 147 -13.92 4.29 25.66
CA HIS B 147 -15.18 3.83 26.22
C HIS B 147 -16.11 5.02 26.41
N SER B 148 -17.31 4.74 26.95
CA SER B 148 -18.40 5.71 27.05
C SER B 148 -17.97 7.00 27.75
N ARG B 149 -16.99 6.91 28.66
CA ARG B 149 -16.62 8.02 29.51
C ARG B 149 -15.54 8.87 28.86
N GLU B 150 -14.95 8.37 27.76
CA GLU B 150 -13.93 9.09 27.03
C GLU B 150 -14.49 9.62 25.71
N ILE B 151 -15.26 8.78 24.99
CA ILE B 151 -15.97 9.22 23.80
C ILE B 151 -17.43 8.80 23.90
N SER B 152 -18.31 9.67 23.42
CA SER B 152 -19.70 9.33 23.20
C SER B 152 -20.01 9.51 21.71
N VAL B 153 -20.75 8.56 21.13
CA VAL B 153 -21.21 8.70 19.76
C VAL B 153 -22.72 8.81 19.79
N ASP B 154 -23.22 9.88 19.16
CA ASP B 154 -24.64 10.12 19.00
C ASP B 154 -24.91 10.40 17.52
N PRO B 155 -26.02 9.89 16.95
CA PRO B 155 -26.35 10.17 15.55
C PRO B 155 -26.68 11.65 15.40
N THR B 156 -26.18 12.26 14.32
CA THR B 156 -26.54 13.63 14.00
C THR B 156 -28.07 13.72 14.07
N THR B 157 -28.57 14.61 14.93
CA THR B 157 -29.99 14.67 15.24
C THR B 157 -30.73 15.43 14.14
N GLU B 158 -29.97 16.00 13.20
CA GLU B 158 -30.48 16.57 11.95
C GLU B 158 -31.45 15.59 11.29
N ASN B 159 -32.54 16.13 10.72
CA ASN B 159 -33.56 15.33 10.05
C ASN B 159 -33.21 15.24 8.57
N SER B 160 -32.15 14.48 8.26
CA SER B 160 -31.57 14.45 6.94
C SER B 160 -32.47 13.69 5.97
N ASP B 161 -32.40 14.08 4.70
CA ASP B 161 -32.94 13.28 3.60
C ASP B 161 -31.97 12.13 3.36
N ASP B 162 -32.53 10.92 3.19
CA ASP B 162 -31.75 9.69 3.23
C ASP B 162 -30.93 9.53 1.96
N SER B 163 -31.61 9.71 0.81
CA SER B 163 -31.01 9.52 -0.51
C SER B 163 -30.78 10.88 -1.18
N GLU B 164 -30.37 11.88 -0.39
CA GLU B 164 -30.20 13.23 -0.93
C GLU B 164 -29.03 13.25 -1.91
N TYR B 165 -27.97 12.49 -1.59
CA TYR B 165 -26.74 12.50 -2.37
C TYR B 165 -26.52 11.13 -3.00
N PHE B 166 -27.52 10.26 -2.95
CA PHE B 166 -27.38 8.90 -3.44
C PHE B 166 -27.48 8.89 -4.97
N SER B 167 -26.45 8.30 -5.61
CA SER B 167 -26.35 8.31 -7.05
C SER B 167 -27.64 7.82 -7.70
N GLN B 168 -28.10 8.54 -8.72
CA GLN B 168 -29.32 8.20 -9.45
C GLN B 168 -29.04 7.07 -10.43
N TYR B 169 -27.75 6.73 -10.62
CA TYR B 169 -27.31 5.75 -11.60
C TYR B 169 -27.01 4.41 -10.92
N SER B 170 -27.24 4.33 -9.61
CA SER B 170 -27.11 3.08 -8.88
C SER B 170 -28.13 2.06 -9.39
N ARG B 171 -27.83 0.77 -9.22
CA ARG B 171 -28.79 -0.29 -9.47
C ARG B 171 -29.82 -0.36 -8.36
N PHE B 172 -29.48 0.22 -7.20
CA PHE B 172 -30.35 0.17 -6.04
C PHE B 172 -30.99 1.54 -5.82
N GLU B 173 -32.05 1.54 -5.01
CA GLU B 173 -32.67 2.75 -4.48
C GLU B 173 -32.77 2.60 -2.97
N ILE B 174 -32.68 3.72 -2.25
CA ILE B 174 -32.79 3.72 -0.79
C ILE B 174 -34.24 3.94 -0.38
N LEU B 175 -34.75 3.00 0.42
CA LEU B 175 -36.10 3.07 0.97
C LEU B 175 -36.08 3.86 2.27
N ASP B 176 -35.09 3.59 3.14
CA ASP B 176 -34.99 4.27 4.41
C ASP B 176 -33.61 4.06 5.02
N VAL B 177 -33.15 5.09 5.74
CA VAL B 177 -31.99 5.00 6.60
C VAL B 177 -32.42 5.47 8.00
N THR B 178 -32.17 4.65 9.01
CA THR B 178 -32.46 5.01 10.40
C THR B 178 -31.18 4.83 11.20
N GLN B 179 -30.92 5.79 12.10
CA GLN B 179 -29.70 5.83 12.89
C GLN B 179 -30.06 5.77 14.38
N LYS B 180 -29.84 4.62 15.02
CA LYS B 180 -30.06 4.47 16.46
C LYS B 180 -28.71 4.44 17.18
N LYS B 181 -28.75 4.41 18.52
CA LYS B 181 -27.57 4.47 19.36
C LYS B 181 -27.56 3.29 20.31
N ASN B 182 -26.37 2.77 20.63
CA ASN B 182 -26.24 1.63 21.54
C ASN B 182 -24.99 1.76 22.41
N SER B 183 -24.96 0.95 23.47
CA SER B 183 -23.90 0.98 24.45
C SER B 183 -23.58 -0.46 24.86
N VAL B 184 -22.47 -1.01 24.35
CA VAL B 184 -22.16 -2.43 24.51
C VAL B 184 -20.97 -2.61 25.43
N THR B 185 -21.09 -3.56 26.36
CA THR B 185 -19.97 -4.02 27.18
C THR B 185 -19.52 -5.38 26.68
N TYR B 186 -18.21 -5.53 26.43
CA TYR B 186 -17.67 -6.76 25.89
C TYR B 186 -17.09 -7.61 27.03
N SER B 187 -16.17 -8.52 26.69
CA SER B 187 -15.69 -9.53 27.62
C SER B 187 -14.30 -9.20 28.16
N CYS B 188 -13.52 -8.37 27.45
CA CYS B 188 -12.22 -7.95 27.95
C CYS B 188 -12.38 -7.09 29.20
N CYS B 189 -13.30 -6.13 29.09
CA CYS B 189 -13.22 -4.89 29.85
C CYS B 189 -14.56 -4.61 30.53
N PRO B 190 -14.58 -3.95 31.71
CA PRO B 190 -15.85 -3.63 32.39
C PRO B 190 -16.66 -2.47 31.82
N GLU B 191 -16.00 -1.57 31.07
CA GLU B 191 -16.63 -0.35 30.57
C GLU B 191 -17.40 -0.63 29.28
N ALA B 192 -18.32 0.29 28.95
CA ALA B 192 -19.20 0.17 27.80
C ALA B 192 -18.64 0.98 26.62
N TYR B 193 -18.95 0.52 25.40
CA TYR B 193 -18.50 1.21 24.19
C TYR B 193 -19.73 1.65 23.40
N GLU B 194 -19.81 2.95 23.13
CA GLU B 194 -20.95 3.50 22.42
C GLU B 194 -20.80 3.17 20.94
N ASP B 195 -21.93 2.97 20.27
CA ASP B 195 -21.96 2.75 18.84
C ASP B 195 -23.21 3.40 18.25
N VAL B 196 -23.12 3.81 16.99
CA VAL B 196 -24.28 4.13 16.19
C VAL B 196 -24.56 2.92 15.30
N GLU B 197 -25.82 2.45 15.33
CA GLU B 197 -26.35 1.54 14.32
C GLU B 197 -26.98 2.37 13.21
N VAL B 198 -26.47 2.19 11.98
CA VAL B 198 -27.09 2.74 10.79
C VAL B 198 -27.77 1.60 10.03
N SER B 199 -29.11 1.58 10.06
CA SER B 199 -29.87 0.63 9.27
C SER B 199 -30.15 1.23 7.89
N LEU B 200 -29.58 0.60 6.85
CA LEU B 200 -29.77 1.01 5.47
C LEU B 200 -30.79 0.09 4.81
N ASN B 201 -32.01 0.61 4.58
CA ASN B 201 -33.06 -0.15 3.91
C ASN B 201 -33.05 0.21 2.42
N PHE B 202 -32.80 -0.81 1.58
CA PHE B 202 -32.56 -0.58 0.15
C PHE B 202 -32.97 -1.81 -0.65
N ARG B 203 -33.22 -1.61 -1.94
CA ARG B 203 -33.57 -2.72 -2.83
C ARG B 203 -33.19 -2.38 -4.27
N LYS B 204 -33.26 -3.41 -5.12
CA LYS B 204 -33.01 -3.27 -6.54
C LYS B 204 -34.15 -2.49 -7.18
N LYS B 205 -33.78 -1.68 -8.19
CA LYS B 205 -34.74 -0.92 -8.98
C LYS B 205 -35.29 -1.80 -10.10
N GLY B 206 -36.54 -1.54 -10.49
CA GLY B 206 -37.09 -2.05 -11.74
C GLY B 206 -37.56 -3.50 -11.63
N ARG B 207 -38.07 -3.88 -10.45
CA ARG B 207 -38.64 -5.20 -10.25
C ARG B 207 -40.05 -5.21 -10.82
N SER B 208 -40.63 -6.42 -10.96
CA SER B 208 -41.95 -6.60 -11.56
C SER B 208 -43.05 -6.33 -10.54
N GLU B 209 -44.20 -5.84 -11.03
CA GLU B 209 -45.32 -5.39 -10.22
C GLU B 209 -44.78 -4.79 -8.91
N SER C 1 -2.11 16.53 40.19
CA SER C 1 -2.41 16.81 38.76
C SER C 1 -1.45 16.02 37.88
N LEU C 2 -1.87 15.83 36.61
CA LEU C 2 -1.15 15.07 35.60
C LEU C 2 -2.17 14.59 34.57
N ASP C 3 -2.36 15.36 33.48
CA ASP C 3 -3.42 15.10 32.54
C ASP C 3 -2.97 14.04 31.54
N ARG C 4 -3.85 13.72 30.58
CA ARG C 4 -3.59 12.71 29.57
C ARG C 4 -2.38 13.08 28.71
N ALA C 5 -2.23 14.38 28.42
CA ALA C 5 -1.12 14.87 27.61
C ALA C 5 0.21 14.47 28.24
N ASP C 6 0.33 14.64 29.57
CA ASP C 6 1.56 14.31 30.26
C ASP C 6 1.81 12.81 30.17
N ILE C 7 0.74 12.02 30.35
CA ILE C 7 0.85 10.57 30.33
C ILE C 7 1.36 10.11 28.97
N LEU C 8 0.72 10.58 27.88
CA LEU C 8 1.16 10.23 26.54
C LEU C 8 2.63 10.62 26.36
N TYR C 9 3.01 11.81 26.85
CA TYR C 9 4.36 12.31 26.73
C TYR C 9 5.34 11.29 27.33
N ASN C 10 5.08 10.89 28.58
CA ASN C 10 5.98 9.99 29.28
C ASN C 10 6.06 8.64 28.56
N ILE C 11 4.91 8.10 28.14
CA ILE C 11 4.89 6.87 27.37
C ILE C 11 5.87 7.03 26.21
N ARG C 12 5.66 8.08 25.41
CA ARG C 12 6.37 8.27 24.16
C ARG C 12 7.89 8.33 24.42
N GLN C 13 8.30 8.93 25.54
CA GLN C 13 9.71 9.14 25.80
C GLN C 13 10.30 7.98 26.61
N THR C 14 9.45 7.15 27.25
CA THR C 14 9.92 6.01 28.01
C THR C 14 9.92 4.75 27.14
N SER C 15 8.91 4.59 26.28
CA SER C 15 8.76 3.39 25.49
C SER C 15 9.99 3.11 24.64
N ARG C 16 10.34 1.83 24.51
CA ARG C 16 11.42 1.36 23.65
C ARG C 16 10.84 0.31 22.69
N PRO C 17 10.25 0.75 21.55
CA PRO C 17 9.50 -0.17 20.69
C PRO C 17 10.26 -1.40 20.19
N ASP C 18 11.59 -1.30 20.10
CA ASP C 18 12.40 -2.36 19.52
C ASP C 18 13.10 -3.19 20.61
N VAL C 19 12.71 -3.02 21.88
CA VAL C 19 13.33 -3.74 22.99
C VAL C 19 12.24 -4.40 23.82
N ILE C 20 12.34 -5.72 24.03
CA ILE C 20 11.34 -6.47 24.77
C ILE C 20 11.38 -6.07 26.24
N PRO C 21 10.22 -5.78 26.87
CA PRO C 21 10.20 -5.31 28.26
C PRO C 21 10.25 -6.44 29.30
N THR C 22 11.36 -7.18 29.32
CA THR C 22 11.49 -8.33 30.20
C THR C 22 11.78 -7.84 31.61
N GLN C 23 10.85 -8.13 32.52
CA GLN C 23 11.01 -7.90 33.95
C GLN C 23 11.99 -8.94 34.49
N ARG C 24 13.12 -8.50 35.06
CA ARG C 24 14.23 -9.37 35.41
C ARG C 24 14.58 -10.21 34.19
N ASP C 25 15.07 -11.44 34.39
CA ASP C 25 15.34 -12.30 33.25
C ASP C 25 14.32 -13.43 33.20
N ARG C 26 13.05 -13.06 32.98
CA ARG C 26 11.99 -14.02 32.73
C ARG C 26 11.19 -13.58 31.51
N PRO C 27 10.60 -14.54 30.76
CA PRO C 27 9.91 -14.20 29.51
C PRO C 27 8.82 -13.16 29.71
N VAL C 28 8.49 -12.45 28.63
CA VAL C 28 7.35 -11.55 28.65
C VAL C 28 6.11 -12.41 28.52
N ALA C 29 5.22 -12.34 29.53
CA ALA C 29 4.00 -13.11 29.53
C ALA C 29 3.00 -12.47 28.58
N VAL C 30 2.80 -13.09 27.40
CA VAL C 30 1.84 -12.61 26.42
C VAL C 30 0.61 -13.52 26.45
N SER C 31 -0.57 -12.90 26.47
CA SER C 31 -1.84 -13.59 26.40
C SER C 31 -2.46 -13.37 25.03
N VAL C 32 -2.94 -14.44 24.39
CA VAL C 32 -3.55 -14.37 23.07
C VAL C 32 -4.91 -15.08 23.10
N SER C 33 -5.91 -14.46 22.49
CA SER C 33 -7.25 -15.00 22.45
C SER C 33 -7.99 -14.46 21.22
N LEU C 34 -8.22 -15.33 20.23
CA LEU C 34 -8.97 -14.96 19.04
C LEU C 34 -10.47 -15.05 19.38
N LYS C 35 -11.23 -14.01 19.03
CA LYS C 35 -12.66 -14.04 19.09
C LYS C 35 -13.17 -13.92 17.66
N PHE C 36 -13.77 -15.01 17.15
CA PHE C 36 -14.12 -15.10 15.75
C PHE C 36 -15.34 -14.23 15.46
N ILE C 37 -15.21 -13.44 14.38
CA ILE C 37 -16.25 -12.48 14.01
C ILE C 37 -16.90 -12.92 12.72
N ASN C 38 -16.14 -13.57 11.82
CA ASN C 38 -16.71 -13.99 10.55
C ASN C 38 -15.86 -15.06 9.90
N ILE C 39 -16.52 -15.87 9.07
CA ILE C 39 -15.89 -16.77 8.13
C ILE C 39 -16.42 -16.43 6.73
N LEU C 40 -15.62 -15.74 5.93
CA LEU C 40 -16.11 -15.19 4.67
C LEU C 40 -16.09 -16.27 3.61
N GLU C 41 -14.91 -16.57 3.09
CA GLU C 41 -14.78 -17.52 2.00
C GLU C 41 -14.10 -18.76 2.55
N VAL C 42 -14.54 -19.92 2.04
CA VAL C 42 -14.00 -21.21 2.42
C VAL C 42 -13.87 -22.06 1.15
N ASN C 43 -12.83 -22.88 1.09
CA ASN C 43 -12.62 -23.76 -0.04
C ASN C 43 -12.14 -25.12 0.46
N GLU C 44 -12.96 -26.15 0.22
CA GLU C 44 -12.71 -27.48 0.73
C GLU C 44 -11.74 -28.22 -0.20
N ILE C 45 -11.60 -27.72 -1.42
CA ILE C 45 -10.71 -28.33 -2.39
C ILE C 45 -9.27 -27.90 -2.09
N THR C 46 -9.07 -26.60 -1.81
CA THR C 46 -7.74 -26.06 -1.63
C THR C 46 -7.35 -26.02 -0.15
N ASN C 47 -8.28 -26.31 0.76
CA ASN C 47 -8.02 -26.26 2.19
C ASN C 47 -7.58 -24.86 2.59
N GLU C 48 -8.43 -23.88 2.29
CA GLU C 48 -8.15 -22.48 2.58
C GLU C 48 -9.41 -21.80 3.10
N VAL C 49 -9.24 -20.92 4.09
CA VAL C 49 -10.35 -20.17 4.65
C VAL C 49 -9.94 -18.71 4.75
N ASP C 50 -10.96 -17.85 4.83
CA ASP C 50 -10.79 -16.42 4.97
C ASP C 50 -11.65 -16.01 6.16
N VAL C 51 -11.02 -15.58 7.26
CA VAL C 51 -11.69 -15.40 8.52
C VAL C 51 -11.41 -14.00 9.08
N VAL C 52 -12.32 -13.51 9.93
CA VAL C 52 -12.17 -12.24 10.61
C VAL C 52 -12.28 -12.49 12.11
N PHE C 53 -11.26 -12.07 12.86
CA PHE C 53 -11.20 -12.32 14.29
C PHE C 53 -10.58 -11.11 14.99
N TRP C 54 -11.10 -10.80 16.18
CA TRP C 54 -10.44 -9.87 17.09
C TRP C 54 -9.35 -10.63 17.84
N GLN C 55 -8.13 -10.12 17.80
CA GLN C 55 -7.00 -10.79 18.44
C GLN C 55 -6.70 -10.14 19.78
N GLN C 56 -7.41 -10.56 20.83
CA GLN C 56 -7.19 -10.04 22.16
C GLN C 56 -5.78 -10.38 22.63
N THR C 57 -4.95 -9.34 22.81
CA THR C 57 -3.52 -9.49 23.09
C THR C 57 -3.16 -8.63 24.30
N THR C 58 -2.67 -9.27 25.38
CA THR C 58 -2.30 -8.59 26.62
C THR C 58 -0.86 -8.91 26.99
N TRP C 59 -0.17 -7.92 27.55
CA TRP C 59 1.14 -8.11 28.15
C TRP C 59 1.45 -6.92 29.06
N SER C 60 2.60 -6.97 29.72
CA SER C 60 2.99 -5.95 30.67
C SER C 60 4.31 -5.32 30.23
N ASP C 61 4.35 -3.98 30.25
CA ASP C 61 5.57 -3.20 30.10
C ASP C 61 5.66 -2.22 31.27
N ARG C 62 6.42 -2.62 32.30
CA ARG C 62 6.39 -1.98 33.61
C ARG C 62 6.98 -0.57 33.56
N THR C 63 7.84 -0.30 32.57
CA THR C 63 8.50 0.99 32.45
C THR C 63 7.48 2.09 32.12
N LEU C 64 6.34 1.69 31.52
CA LEU C 64 5.30 2.62 31.12
C LEU C 64 4.53 3.13 32.33
N ALA C 65 4.63 2.44 33.48
CA ALA C 65 3.74 2.68 34.60
C ALA C 65 3.85 4.12 35.09
N TRP C 66 2.73 4.65 35.60
CA TRP C 66 2.68 5.98 36.17
C TRP C 66 1.76 5.97 37.39
N ASP C 67 1.78 7.05 38.17
CA ASP C 67 0.96 7.17 39.37
C ASP C 67 -0.40 7.75 38.98
N SER C 68 -1.46 6.97 39.18
CA SER C 68 -2.81 7.39 38.80
C SER C 68 -3.67 7.62 40.04
N SER C 69 -3.07 8.14 41.11
CA SER C 69 -3.82 8.52 42.29
C SER C 69 -4.65 9.77 41.98
N HIS C 70 -4.01 10.75 41.33
CA HIS C 70 -4.66 11.99 40.93
C HIS C 70 -4.42 12.21 39.43
N SER C 71 -4.92 11.27 38.61
CA SER C 71 -4.82 11.35 37.16
C SER C 71 -5.46 10.11 36.54
N PRO C 72 -5.69 10.05 35.21
CA PRO C 72 -6.30 8.88 34.57
C PRO C 72 -5.41 7.64 34.68
N ASP C 73 -6.03 6.46 34.68
CA ASP C 73 -5.29 5.21 34.83
C ASP C 73 -5.36 4.36 33.56
N GLN C 74 -5.80 4.95 32.45
CA GLN C 74 -5.89 4.23 31.19
C GLN C 74 -5.90 5.24 30.04
N VAL C 75 -5.02 5.00 29.05
CA VAL C 75 -4.89 5.85 27.87
C VAL C 75 -4.80 4.97 26.64
N SER C 76 -5.32 5.48 25.52
CA SER C 76 -5.13 4.86 24.21
C SER C 76 -3.83 5.38 23.60
N VAL C 77 -3.02 4.45 23.06
CA VAL C 77 -1.70 4.78 22.55
C VAL C 77 -1.50 4.09 21.20
N PRO C 78 -0.94 4.78 20.18
CA PRO C 78 -0.62 4.11 18.91
C PRO C 78 0.46 3.06 19.12
N ILE C 79 0.25 1.86 18.56
CA ILE C 79 1.17 0.76 18.79
C ILE C 79 2.55 1.13 18.27
N SER C 80 2.61 2.03 17.26
CA SER C 80 3.90 2.45 16.73
C SER C 80 4.75 3.09 17.82
N SER C 81 4.11 3.56 18.92
CA SER C 81 4.82 4.13 20.05
C SER C 81 5.14 3.08 21.10
N LEU C 82 4.77 1.80 20.87
CA LEU C 82 4.88 0.78 21.90
C LEU C 82 5.69 -0.41 21.38
N TRP C 83 6.37 -1.12 22.31
CA TRP C 83 6.80 -2.47 21.99
C TRP C 83 5.56 -3.34 21.89
N VAL C 84 5.48 -4.11 20.81
CA VAL C 84 4.37 -5.02 20.58
C VAL C 84 4.96 -6.40 20.27
N PRO C 85 4.38 -7.48 20.82
CA PRO C 85 4.87 -8.83 20.52
C PRO C 85 4.76 -9.09 19.01
N ASP C 86 5.75 -9.82 18.49
CA ASP C 86 5.93 -10.04 17.06
C ASP C 86 5.18 -11.32 16.66
N LEU C 87 3.86 -11.33 16.88
CA LEU C 87 3.05 -12.51 16.64
C LEU C 87 2.88 -12.72 15.12
N ALA C 88 2.95 -14.00 14.73
CA ALA C 88 2.68 -14.45 13.38
C ALA C 88 1.78 -15.68 13.44
N ALA C 89 0.86 -15.80 12.48
CA ALA C 89 0.11 -17.04 12.29
C ALA C 89 0.94 -17.96 11.40
N TYR C 90 1.32 -19.12 11.94
CA TYR C 90 2.31 -19.99 11.29
C TYR C 90 1.73 -20.55 10.00
N ASN C 91 0.40 -20.76 9.97
CA ASN C 91 -0.27 -21.34 8.82
C ASN C 91 -1.09 -20.26 8.09
N ALA C 92 -0.64 -19.00 8.19
CA ALA C 92 -1.22 -17.91 7.41
C ALA C 92 -0.69 -17.93 5.98
N ILE C 93 -1.57 -17.62 5.02
CA ILE C 93 -1.21 -17.56 3.62
C ILE C 93 -1.51 -16.17 3.06
N SER C 94 -1.74 -15.21 3.95
CA SER C 94 -1.88 -13.81 3.56
C SER C 94 -1.46 -12.95 4.75
N LYS C 95 -1.01 -11.73 4.43
CA LYS C 95 -0.69 -10.73 5.45
C LYS C 95 -1.93 -10.47 6.27
N PRO C 96 -1.81 -10.23 7.59
CA PRO C 96 -2.97 -9.84 8.41
C PRO C 96 -3.47 -8.48 7.98
N GLU C 97 -4.71 -8.43 7.48
CA GLU C 97 -5.38 -7.17 7.17
C GLU C 97 -6.00 -6.62 8.45
N VAL C 98 -5.37 -5.60 9.02
CA VAL C 98 -5.87 -4.96 10.23
C VAL C 98 -6.95 -3.95 9.84
N LEU C 99 -8.16 -4.15 10.39
CA LEU C 99 -9.35 -3.42 9.95
C LEU C 99 -9.65 -2.26 10.88
N THR C 100 -8.98 -2.20 12.04
CA THR C 100 -9.33 -1.26 13.10
C THR C 100 -8.17 -0.28 13.32
N PRO C 101 -8.40 0.84 14.02
CA PRO C 101 -7.33 1.77 14.39
C PRO C 101 -6.23 1.07 15.21
N GLN C 102 -4.97 1.39 14.92
CA GLN C 102 -3.85 0.67 15.51
C GLN C 102 -3.43 1.35 16.80
N LEU C 103 -4.36 1.28 17.76
CA LEU C 103 -4.21 1.84 19.09
C LEU C 103 -4.33 0.70 20.09
N ALA C 104 -3.43 0.70 21.08
CA ALA C 104 -3.55 -0.16 22.24
C ALA C 104 -4.02 0.66 23.44
N ARG C 105 -4.33 -0.06 24.52
CA ARG C 105 -4.73 0.55 25.78
C ARG C 105 -3.62 0.27 26.79
N VAL C 106 -3.13 1.33 27.46
CA VAL C 106 -2.11 1.18 28.46
C VAL C 106 -2.71 1.52 29.82
N VAL C 107 -2.52 0.62 30.79
CA VAL C 107 -3.01 0.81 32.15
C VAL C 107 -1.85 1.33 32.99
N SER C 108 -2.17 2.03 34.10
CA SER C 108 -1.16 2.74 34.86
C SER C 108 -0.16 1.78 35.50
N ASP C 109 -0.55 0.51 35.68
CA ASP C 109 0.35 -0.51 36.20
C ASP C 109 1.35 -0.99 35.14
N GLY C 110 1.09 -0.69 33.86
CA GLY C 110 1.97 -1.07 32.76
C GLY C 110 1.38 -2.17 31.88
N GLU C 111 0.14 -2.59 32.17
CA GLU C 111 -0.53 -3.60 31.38
C GLU C 111 -0.96 -3.01 30.04
N VAL C 112 -0.66 -3.69 28.93
CA VAL C 112 -1.08 -3.22 27.63
C VAL C 112 -2.12 -4.20 27.08
N LEU C 113 -3.19 -3.66 26.48
CA LEU C 113 -4.20 -4.45 25.81
C LEU C 113 -4.32 -3.95 24.38
N TYR C 114 -3.98 -4.84 23.42
CA TYR C 114 -4.11 -4.56 22.01
C TYR C 114 -5.06 -5.59 21.42
N MET C 115 -6.10 -5.11 20.74
CA MET C 115 -7.10 -5.99 20.18
C MET C 115 -7.49 -5.50 18.78
N PRO C 116 -6.65 -5.81 17.77
CA PRO C 116 -7.00 -5.49 16.38
C PRO C 116 -8.02 -6.48 15.84
N SER C 117 -8.92 -5.97 14.99
CA SER C 117 -9.71 -6.82 14.12
C SER C 117 -8.86 -7.17 12.90
N ILE C 118 -8.67 -8.48 12.65
CA ILE C 118 -7.83 -8.92 11.56
C ILE C 118 -8.64 -9.81 10.64
N ARG C 119 -8.59 -9.51 9.34
CA ARG C 119 -9.00 -10.43 8.28
C ARG C 119 -7.77 -11.11 7.71
N GLN C 120 -7.79 -12.43 7.59
CA GLN C 120 -6.62 -13.17 7.16
C GLN C 120 -7.01 -14.53 6.58
N ARG C 121 -6.18 -15.01 5.64
CA ARG C 121 -6.39 -16.30 4.99
C ARG C 121 -5.39 -17.31 5.55
N PHE C 122 -5.88 -18.54 5.79
CA PHE C 122 -5.10 -19.60 6.41
C PHE C 122 -5.18 -20.88 5.59
N SER C 123 -4.13 -21.70 5.70
CA SER C 123 -4.12 -23.07 5.18
C SER C 123 -4.44 -24.03 6.32
N CYS C 124 -5.63 -24.66 6.27
CA CYS C 124 -6.03 -25.58 7.33
C CYS C 124 -7.07 -26.57 6.78
N ASP C 125 -7.35 -27.61 7.58
CA ASP C 125 -8.30 -28.64 7.18
C ASP C 125 -9.71 -28.05 7.13
N VAL C 126 -10.30 -28.10 5.93
CA VAL C 126 -11.67 -27.65 5.71
C VAL C 126 -12.61 -28.83 5.42
N SER C 127 -12.06 -30.06 5.36
CA SER C 127 -12.87 -31.22 5.02
C SER C 127 -13.94 -31.43 6.10
N GLY C 128 -15.18 -31.64 5.64
CA GLY C 128 -16.32 -31.83 6.53
C GLY C 128 -17.15 -30.55 6.70
N VAL C 129 -16.78 -29.47 6.01
CA VAL C 129 -17.37 -28.15 6.24
C VAL C 129 -18.90 -28.20 6.08
N ASP C 130 -19.39 -29.01 5.13
CA ASP C 130 -20.82 -29.13 4.89
C ASP C 130 -21.31 -30.49 5.39
N THR C 131 -21.09 -30.77 6.68
CA THR C 131 -21.67 -31.92 7.36
C THR C 131 -22.06 -31.48 8.77
N GLU C 132 -22.75 -32.37 9.51
CA GLU C 132 -23.06 -32.11 10.90
C GLU C 132 -21.77 -32.05 11.72
N SER C 133 -20.83 -32.95 11.42
CA SER C 133 -19.54 -32.99 12.10
C SER C 133 -18.78 -31.68 11.90
N GLY C 134 -18.83 -31.15 10.67
CA GLY C 134 -18.12 -29.91 10.37
C GLY C 134 -16.63 -30.14 10.17
N ALA C 135 -15.90 -29.06 9.86
CA ALA C 135 -14.46 -29.08 9.74
C ALA C 135 -13.84 -28.48 11.00
N THR C 136 -12.56 -28.79 11.23
CA THR C 136 -11.77 -28.24 12.33
C THR C 136 -10.53 -27.59 11.76
N CYS C 137 -10.55 -26.25 11.63
CA CYS C 137 -9.42 -25.47 11.14
C CYS C 137 -8.58 -25.02 12.34
N ARG C 138 -7.35 -25.54 12.42
CA ARG C 138 -6.41 -25.17 13.49
C ARG C 138 -5.52 -24.02 13.05
N ILE C 139 -5.52 -22.94 13.83
CA ILE C 139 -4.70 -21.77 13.60
C ILE C 139 -3.64 -21.67 14.70
N LYS C 140 -2.36 -21.57 14.30
CA LYS C 140 -1.25 -21.46 15.24
C LYS C 140 -0.67 -20.05 15.23
N ILE C 141 -0.67 -19.41 16.41
CA ILE C 141 -0.14 -18.07 16.59
C ILE C 141 0.89 -18.08 17.72
N GLY C 142 2.13 -17.68 17.40
CA GLY C 142 3.17 -17.44 18.39
C GLY C 142 4.13 -16.35 17.92
N SER C 143 5.15 -16.08 18.73
CA SER C 143 6.21 -15.15 18.36
C SER C 143 7.02 -15.72 17.21
N TRP C 144 7.39 -14.87 16.26
CA TRP C 144 8.14 -15.30 15.10
C TRP C 144 9.64 -15.37 15.42
N THR C 145 10.14 -14.46 16.28
CA THR C 145 11.58 -14.37 16.53
C THR C 145 11.95 -14.65 17.99
N HIS C 146 10.98 -14.67 18.92
CA HIS C 146 11.30 -14.80 20.34
C HIS C 146 10.88 -16.17 20.87
N HIS C 147 11.86 -16.91 21.40
CA HIS C 147 11.63 -18.26 21.92
C HIS C 147 11.14 -18.19 23.36
N SER C 148 11.00 -19.37 23.99
CA SER C 148 10.29 -19.56 25.25
C SER C 148 10.88 -18.75 26.40
N ARG C 149 12.18 -18.46 26.34
CA ARG C 149 12.85 -17.71 27.40
C ARG C 149 12.64 -16.20 27.25
N GLU C 150 12.14 -15.75 26.09
CA GLU C 150 11.94 -14.34 25.81
C GLU C 150 10.45 -13.99 25.82
N ILE C 151 9.63 -14.76 25.09
CA ILE C 151 8.19 -14.57 25.06
C ILE C 151 7.50 -15.88 25.42
N SER C 152 6.53 -15.79 26.34
CA SER C 152 5.62 -16.89 26.61
C SER C 152 4.24 -16.54 26.06
N VAL C 153 3.55 -17.55 25.52
CA VAL C 153 2.23 -17.39 24.95
C VAL C 153 1.26 -18.29 25.70
N ASP C 154 0.20 -17.68 26.27
CA ASP C 154 -0.88 -18.43 26.88
C ASP C 154 -2.23 -17.93 26.36
N PRO C 155 -3.21 -18.83 26.14
CA PRO C 155 -4.60 -18.40 25.98
C PRO C 155 -5.10 -17.72 27.26
N THR C 156 -6.02 -16.75 27.11
CA THR C 156 -6.62 -16.09 28.25
C THR C 156 -7.61 -17.06 28.88
N THR C 157 -7.66 -17.08 30.22
CA THR C 157 -8.39 -18.10 30.95
C THR C 157 -9.90 -17.84 30.88
N GLU C 158 -10.29 -16.63 30.45
CA GLU C 158 -11.69 -16.25 30.31
C GLU C 158 -12.45 -17.36 29.58
N ASN C 159 -13.57 -17.78 30.17
CA ASN C 159 -14.37 -18.91 29.70
C ASN C 159 -15.53 -18.38 28.88
N SER C 160 -15.23 -17.55 27.87
CA SER C 160 -16.24 -16.81 27.14
C SER C 160 -16.95 -17.71 26.12
N ASP C 161 -18.10 -17.23 25.63
CA ASP C 161 -18.86 -17.91 24.59
C ASP C 161 -18.04 -17.86 23.30
N ASP C 162 -18.22 -18.88 22.46
CA ASP C 162 -17.40 -19.08 21.27
C ASP C 162 -18.00 -18.33 20.08
N SER C 163 -19.34 -18.21 20.05
CA SER C 163 -20.06 -17.57 18.94
C SER C 163 -20.48 -16.15 19.31
N GLU C 164 -19.99 -15.62 20.44
CA GLU C 164 -20.63 -14.49 21.10
C GLU C 164 -20.76 -13.30 20.15
N TYR C 165 -19.65 -12.97 19.47
CA TYR C 165 -19.59 -11.82 18.58
C TYR C 165 -19.54 -12.27 17.11
N PHE C 166 -19.74 -13.57 16.87
CA PHE C 166 -19.68 -14.10 15.52
C PHE C 166 -20.91 -13.61 14.75
N SER C 167 -20.73 -13.29 13.47
CA SER C 167 -21.81 -12.69 12.69
C SER C 167 -22.90 -13.73 12.43
N GLN C 168 -24.16 -13.32 12.61
CA GLN C 168 -25.29 -14.20 12.34
C GLN C 168 -25.53 -14.34 10.83
N TYR C 169 -24.89 -13.44 10.05
CA TYR C 169 -25.10 -13.34 8.62
C TYR C 169 -24.07 -14.17 7.85
N SER C 170 -22.99 -14.61 8.51
CA SER C 170 -22.05 -15.54 7.92
C SER C 170 -22.80 -16.73 7.35
N ARG C 171 -22.23 -17.35 6.31
CA ARG C 171 -22.79 -18.56 5.74
C ARG C 171 -22.52 -19.77 6.65
N PHE C 172 -21.53 -19.62 7.53
CA PHE C 172 -21.11 -20.70 8.40
C PHE C 172 -21.54 -20.40 9.82
N GLU C 173 -21.47 -21.43 10.67
CA GLU C 173 -21.66 -21.28 12.11
C GLU C 173 -20.59 -22.07 12.83
N ILE C 174 -20.32 -21.67 14.09
CA ILE C 174 -19.25 -22.25 14.89
C ILE C 174 -19.85 -23.25 15.85
N LEU C 175 -19.31 -24.47 15.86
CA LEU C 175 -19.76 -25.53 16.75
C LEU C 175 -18.97 -25.47 18.06
N ASP C 176 -17.67 -25.16 17.98
CA ASP C 176 -16.82 -25.04 19.16
C ASP C 176 -15.50 -24.36 18.80
N VAL C 177 -14.90 -23.69 19.78
CA VAL C 177 -13.55 -23.15 19.65
C VAL C 177 -12.74 -23.60 20.87
N THR C 178 -11.54 -24.13 20.61
CA THR C 178 -10.59 -24.56 21.62
C THR C 178 -9.28 -23.80 21.40
N GLN C 179 -8.80 -23.13 22.45
CA GLN C 179 -7.58 -22.34 22.39
C GLN C 179 -6.57 -22.94 23.38
N LYS C 180 -5.52 -23.58 22.83
CA LYS C 180 -4.68 -24.50 23.57
C LYS C 180 -3.23 -24.04 23.51
N LYS C 181 -2.56 -24.05 24.67
CA LYS C 181 -1.15 -23.71 24.76
C LYS C 181 -0.33 -24.80 24.08
N ASN C 182 0.73 -24.39 23.39
CA ASN C 182 1.59 -25.33 22.69
C ASN C 182 2.93 -24.64 22.43
N SER C 183 3.93 -25.42 22.04
CA SER C 183 5.18 -24.89 21.51
C SER C 183 5.46 -25.53 20.15
N VAL C 184 6.45 -24.98 19.44
CA VAL C 184 6.99 -25.59 18.23
C VAL C 184 8.52 -25.52 18.30
N THR C 185 9.17 -26.51 17.71
CA THR C 185 10.62 -26.58 17.67
C THR C 185 11.06 -26.91 16.24
N TYR C 186 12.28 -26.48 15.89
CA TYR C 186 12.82 -26.67 14.56
C TYR C 186 14.11 -27.46 14.66
N SER C 187 14.41 -28.22 13.60
CA SER C 187 15.52 -29.17 13.62
C SER C 187 16.87 -28.43 13.60
N CYS C 188 16.84 -27.17 13.18
CA CYS C 188 18.01 -26.31 13.23
C CYS C 188 18.56 -26.21 14.65
N CYS C 189 17.65 -26.00 15.61
CA CYS C 189 18.01 -25.33 16.86
C CYS C 189 17.27 -25.98 18.04
N PRO C 190 17.77 -25.78 19.28
CA PRO C 190 17.11 -26.32 20.47
C PRO C 190 15.97 -25.47 21.04
N GLU C 191 15.86 -24.21 20.60
CA GLU C 191 14.91 -23.27 21.17
C GLU C 191 13.50 -23.56 20.69
N ALA C 192 12.52 -23.23 21.55
CA ALA C 192 11.12 -23.52 21.30
C ALA C 192 10.31 -22.22 21.30
N TYR C 193 9.39 -22.10 20.35
CA TYR C 193 8.51 -20.95 20.28
C TYR C 193 7.13 -21.37 20.76
N GLU C 194 6.61 -20.66 21.77
CA GLU C 194 5.30 -20.97 22.33
C GLU C 194 4.23 -20.36 21.43
N ASP C 195 3.09 -21.04 21.35
CA ASP C 195 1.97 -20.58 20.54
C ASP C 195 0.66 -21.01 21.18
N VAL C 196 -0.43 -20.35 20.76
CA VAL C 196 -1.78 -20.85 20.95
C VAL C 196 -2.16 -21.58 19.67
N GLU C 197 -2.62 -22.83 19.81
CA GLU C 197 -3.40 -23.48 18.77
C GLU C 197 -4.86 -23.17 18.99
N VAL C 198 -5.49 -22.52 18.00
CA VAL C 198 -6.91 -22.24 18.04
C VAL C 198 -7.61 -23.22 17.09
N SER C 199 -8.52 -24.04 17.64
CA SER C 199 -9.24 -25.03 16.86
C SER C 199 -10.63 -24.50 16.54
N LEU C 200 -10.82 -24.11 15.28
CA LEU C 200 -12.10 -23.59 14.80
C LEU C 200 -12.92 -24.74 14.24
N ASN C 201 -13.95 -25.15 15.00
CA ASN C 201 -14.87 -26.18 14.56
C ASN C 201 -16.14 -25.48 14.08
N PHE C 202 -16.34 -25.49 12.75
CA PHE C 202 -17.43 -24.76 12.13
C PHE C 202 -17.98 -25.59 10.97
N ARG C 203 -19.17 -25.20 10.49
CA ARG C 203 -19.76 -25.84 9.32
C ARG C 203 -20.66 -24.86 8.57
N LYS C 204 -20.94 -25.20 7.31
CA LYS C 204 -21.87 -24.48 6.46
C LYS C 204 -23.28 -24.62 7.05
N LYS C 205 -23.97 -23.49 7.22
CA LYS C 205 -25.33 -23.51 7.72
C LYS C 205 -26.26 -24.06 6.64
N GLY C 206 -27.23 -24.89 7.06
CA GLY C 206 -28.34 -25.24 6.20
C GLY C 206 -29.29 -24.04 6.05
N ARG C 207 -30.18 -24.11 5.06
CA ARG C 207 -31.28 -23.17 4.96
C ARG C 207 -32.27 -23.48 6.08
N SER C 208 -32.38 -24.78 6.42
CA SER C 208 -33.03 -25.24 7.63
C SER C 208 -31.98 -25.47 8.72
N SER D 1 27.08 -6.59 33.13
CA SER D 1 26.01 -7.31 32.40
C SER D 1 25.18 -6.33 31.56
N LEU D 2 25.41 -6.32 30.25
CA LEU D 2 24.61 -5.55 29.33
C LEU D 2 23.23 -6.20 29.17
N ASP D 3 22.19 -5.35 29.09
CA ASP D 3 20.85 -5.82 28.82
C ASP D 3 20.58 -5.67 27.33
N ARG D 4 19.40 -6.14 26.89
CA ARG D 4 19.03 -6.17 25.49
C ARG D 4 19.01 -4.76 24.91
N ALA D 5 18.62 -3.77 25.73
CA ALA D 5 18.61 -2.39 25.27
C ALA D 5 20.03 -1.97 24.88
N ASP D 6 21.02 -2.31 25.71
CA ASP D 6 22.41 -1.92 25.48
C ASP D 6 22.92 -2.59 24.21
N ILE D 7 22.60 -3.88 24.05
CA ILE D 7 22.98 -4.64 22.88
C ILE D 7 22.44 -3.95 21.64
N LEU D 8 21.14 -3.58 21.66
CA LEU D 8 20.50 -2.97 20.51
C LEU D 8 21.17 -1.62 20.19
N TYR D 9 21.40 -0.81 21.23
CA TYR D 9 21.92 0.53 21.02
C TYR D 9 23.33 0.43 20.41
N ASN D 10 24.10 -0.58 20.80
CA ASN D 10 25.39 -0.84 20.17
C ASN D 10 25.22 -1.11 18.68
N ILE D 11 24.25 -1.97 18.33
CA ILE D 11 23.98 -2.34 16.94
C ILE D 11 23.60 -1.09 16.14
N ARG D 12 22.74 -0.25 16.73
CA ARG D 12 22.20 0.92 16.05
C ARG D 12 23.30 1.90 15.68
N GLN D 13 24.29 2.04 16.56
CA GLN D 13 25.35 3.03 16.39
C GLN D 13 26.47 2.50 15.49
N THR D 14 26.40 1.22 15.15
CA THR D 14 27.47 0.55 14.44
C THR D 14 26.96 0.11 13.07
N SER D 15 25.81 -0.59 13.09
CA SER D 15 25.20 -1.10 11.87
C SER D 15 24.99 0.05 10.88
N ARG D 16 25.20 -0.27 9.60
N ARG D 16 25.24 -0.24 9.60
CA ARG D 16 25.06 0.67 8.50
CA ARG D 16 25.04 0.70 8.52
C ARG D 16 24.14 0.05 7.46
C ARG D 16 24.14 0.04 7.48
N PRO D 17 22.80 0.29 7.53
CA PRO D 17 21.86 -0.45 6.69
C PRO D 17 22.07 -0.35 5.18
N ASP D 18 22.70 0.73 4.73
CA ASP D 18 22.90 0.97 3.32
C ASP D 18 24.33 0.67 2.92
N VAL D 19 25.09 0.01 3.81
CA VAL D 19 26.49 -0.29 3.55
C VAL D 19 26.72 -1.77 3.78
N ILE D 20 27.16 -2.45 2.72
CA ILE D 20 27.45 -3.88 2.77
C ILE D 20 28.64 -4.09 3.71
N PRO D 21 28.51 -5.00 4.71
CA PRO D 21 29.58 -5.21 5.70
C PRO D 21 30.69 -6.12 5.19
N THR D 22 31.40 -5.66 4.16
CA THR D 22 32.50 -6.45 3.61
C THR D 22 33.66 -6.40 4.59
N GLN D 23 34.43 -7.49 4.59
CA GLN D 23 35.65 -7.61 5.37
C GLN D 23 36.82 -7.43 4.41
N ARG D 24 37.62 -6.39 4.62
CA ARG D 24 38.69 -6.01 3.69
C ARG D 24 38.02 -5.71 2.34
N ASP D 25 38.34 -6.50 1.30
CA ASP D 25 37.59 -6.45 0.05
C ASP D 25 37.21 -7.88 -0.36
N ARG D 26 36.76 -8.68 0.61
CA ARG D 26 36.21 -10.00 0.36
C ARG D 26 34.70 -9.87 0.23
N PRO D 27 34.03 -10.80 -0.49
CA PRO D 27 32.58 -10.80 -0.55
C PRO D 27 31.96 -11.16 0.80
N VAL D 28 30.78 -10.61 1.08
CA VAL D 28 29.98 -11.07 2.19
C VAL D 28 29.34 -12.40 1.78
N ALA D 29 29.54 -13.43 2.60
CA ALA D 29 29.03 -14.76 2.31
C ALA D 29 27.63 -14.90 2.90
N VAL D 30 26.62 -14.88 2.02
CA VAL D 30 25.23 -15.04 2.42
C VAL D 30 24.80 -16.47 2.15
N SER D 31 23.99 -17.04 3.07
CA SER D 31 23.42 -18.36 2.89
C SER D 31 21.91 -18.24 2.76
N VAL D 32 21.33 -18.99 1.81
CA VAL D 32 19.91 -18.95 1.53
C VAL D 32 19.39 -20.38 1.46
N SER D 33 18.30 -20.64 2.18
CA SER D 33 17.62 -21.91 2.11
C SER D 33 16.11 -21.70 2.20
N LEU D 34 15.38 -22.19 1.20
CA LEU D 34 13.93 -22.06 1.20
C LEU D 34 13.34 -23.30 1.87
N LYS D 35 12.55 -23.09 2.92
CA LYS D 35 11.65 -24.11 3.43
C LYS D 35 10.29 -23.87 2.79
N PHE D 36 9.79 -24.83 2.00
CA PHE D 36 8.49 -24.67 1.39
C PHE D 36 7.42 -25.02 2.42
N ILE D 37 6.45 -24.12 2.58
CA ILE D 37 5.35 -24.32 3.52
C ILE D 37 4.07 -24.63 2.74
N ASN D 38 3.91 -24.03 1.54
CA ASN D 38 2.72 -24.31 0.74
C ASN D 38 2.95 -24.04 -0.75
N ILE D 39 2.22 -24.80 -1.57
CA ILE D 39 2.05 -24.55 -2.99
C ILE D 39 0.58 -24.25 -3.22
N LEU D 40 0.30 -23.12 -3.89
CA LEU D 40 -1.07 -22.66 -4.11
C LEU D 40 -1.21 -22.21 -5.57
N GLU D 41 -2.47 -22.06 -6.01
CA GLU D 41 -2.80 -21.33 -7.23
C GLU D 41 -1.92 -21.78 -8.40
N VAL D 42 -1.78 -23.10 -8.58
CA VAL D 42 -0.98 -23.66 -9.65
C VAL D 42 -1.76 -23.58 -10.97
N ASN D 43 -1.04 -23.44 -12.08
CA ASN D 43 -1.65 -23.28 -13.40
C ASN D 43 -0.69 -23.81 -14.46
N GLU D 44 -1.04 -24.93 -15.10
CA GLU D 44 -0.15 -25.59 -16.04
C GLU D 44 -0.22 -24.97 -17.43
N ILE D 45 -1.29 -24.21 -17.72
CA ILE D 45 -1.41 -23.52 -18.99
C ILE D 45 -0.48 -22.30 -19.00
N THR D 46 -0.50 -21.48 -17.93
CA THR D 46 0.28 -20.25 -17.91
C THR D 46 1.68 -20.52 -17.35
N ASN D 47 1.90 -21.70 -16.75
CA ASN D 47 3.15 -22.05 -16.10
C ASN D 47 3.44 -21.08 -14.97
N GLU D 48 2.49 -20.98 -14.03
CA GLU D 48 2.62 -20.06 -12.91
C GLU D 48 2.15 -20.75 -11.63
N VAL D 49 2.82 -20.42 -10.53
CA VAL D 49 2.52 -21.01 -9.24
C VAL D 49 2.79 -19.99 -8.16
N ASP D 50 1.87 -19.90 -7.18
CA ASP D 50 2.14 -19.27 -5.90
C ASP D 50 2.85 -20.27 -4.99
N VAL D 51 3.82 -19.76 -4.23
CA VAL D 51 4.55 -20.56 -3.27
C VAL D 51 4.67 -19.77 -1.96
N VAL D 52 4.52 -20.49 -0.85
CA VAL D 52 4.81 -19.94 0.48
C VAL D 52 6.04 -20.63 1.02
N PHE D 53 7.10 -19.86 1.25
CA PHE D 53 8.34 -20.40 1.78
C PHE D 53 8.88 -19.50 2.88
N TRP D 54 9.48 -20.13 3.90
CA TRP D 54 10.37 -19.45 4.82
C TRP D 54 11.76 -19.37 4.18
N GLN D 55 12.24 -18.15 3.96
CA GLN D 55 13.52 -17.93 3.30
C GLN D 55 14.59 -17.67 4.35
N GLN D 56 15.24 -18.74 4.81
CA GLN D 56 16.29 -18.64 5.82
C GLN D 56 17.52 -17.99 5.20
N THR D 57 17.94 -16.85 5.78
CA THR D 57 18.99 -16.01 5.21
C THR D 57 20.02 -15.69 6.30
N THR D 58 21.25 -16.21 6.17
CA THR D 58 22.27 -15.97 7.17
C THR D 58 23.48 -15.26 6.54
N TRP D 59 24.04 -14.32 7.30
CA TRP D 59 25.30 -13.68 6.98
C TRP D 59 25.93 -13.18 8.28
N SER D 60 27.12 -12.59 8.19
CA SER D 60 27.79 -12.08 9.37
C SER D 60 28.16 -10.61 9.20
N ASP D 61 28.04 -9.86 10.30
CA ASP D 61 28.59 -8.54 10.46
C ASP D 61 29.29 -8.50 11.81
N ARG D 62 30.60 -8.78 11.80
CA ARG D 62 31.38 -9.01 13.01
C ARG D 62 31.53 -7.72 13.82
N THR D 63 31.21 -6.56 13.23
CA THR D 63 31.31 -5.28 13.93
C THR D 63 30.20 -5.19 14.99
N LEU D 64 29.15 -6.01 14.85
CA LEU D 64 28.02 -5.95 15.75
C LEU D 64 28.24 -6.82 16.99
N ALA D 65 29.36 -7.55 17.02
CA ALA D 65 29.57 -8.60 18.01
C ALA D 65 29.71 -8.02 19.42
N TRP D 66 29.29 -8.79 20.42
CA TRP D 66 29.47 -8.44 21.82
C TRP D 66 29.80 -9.69 22.63
N ASP D 67 30.18 -9.48 23.89
CA ASP D 67 30.53 -10.56 24.79
C ASP D 67 29.28 -10.95 25.58
N SER D 68 28.91 -12.23 25.51
CA SER D 68 27.64 -12.70 26.02
C SER D 68 27.86 -13.72 27.14
N SER D 69 28.86 -13.46 27.99
CA SER D 69 29.16 -14.29 29.15
C SER D 69 28.09 -14.07 30.21
N HIS D 70 27.86 -12.79 30.54
CA HIS D 70 26.87 -12.38 31.53
C HIS D 70 25.85 -11.45 30.86
N SER D 71 25.48 -11.76 29.62
CA SER D 71 24.44 -11.03 28.91
C SER D 71 23.79 -11.95 27.87
N PRO D 72 22.61 -11.59 27.30
CA PRO D 72 21.98 -12.42 26.27
C PRO D 72 22.87 -12.54 25.03
N ASP D 73 22.80 -13.68 24.35
CA ASP D 73 23.70 -13.94 23.23
C ASP D 73 22.93 -13.86 21.91
N GLN D 74 21.67 -13.40 21.98
CA GLN D 74 20.89 -13.06 20.79
C GLN D 74 19.88 -11.96 21.11
N VAL D 75 19.56 -11.15 20.09
CA VAL D 75 18.48 -10.19 20.20
C VAL D 75 17.71 -10.19 18.87
N SER D 76 16.42 -9.86 18.97
CA SER D 76 15.60 -9.56 17.81
C SER D 76 15.74 -8.07 17.49
N VAL D 77 15.99 -7.78 16.21
CA VAL D 77 16.29 -6.43 15.73
C VAL D 77 15.48 -6.19 14.47
N PRO D 78 14.76 -5.05 14.34
CA PRO D 78 14.09 -4.72 13.08
C PRO D 78 15.12 -4.62 11.97
N ILE D 79 14.77 -5.12 10.78
CA ILE D 79 15.73 -5.18 9.67
C ILE D 79 16.08 -3.78 9.19
N SER D 80 15.19 -2.80 9.42
CA SER D 80 15.47 -1.43 9.04
C SER D 80 16.69 -0.88 9.77
N SER D 81 17.14 -1.56 10.84
CA SER D 81 18.32 -1.18 11.59
C SER D 81 19.57 -1.92 11.10
N LEU D 82 19.38 -2.92 10.22
CA LEU D 82 20.48 -3.76 9.76
C LEU D 82 20.68 -3.60 8.27
N TRP D 83 21.92 -3.78 7.81
CA TRP D 83 22.12 -4.11 6.40
C TRP D 83 21.54 -5.49 6.16
N VAL D 84 20.78 -5.63 5.08
CA VAL D 84 20.19 -6.90 4.68
C VAL D 84 20.51 -7.13 3.21
N PRO D 85 20.88 -8.38 2.80
CA PRO D 85 21.13 -8.69 1.39
C PRO D 85 19.97 -8.29 0.49
N ASP D 86 20.29 -7.62 -0.62
CA ASP D 86 19.29 -7.23 -1.61
C ASP D 86 18.92 -8.43 -2.48
N LEU D 87 18.37 -9.48 -1.86
CA LEU D 87 18.06 -10.71 -2.58
C LEU D 87 16.84 -10.47 -3.45
N ALA D 88 16.74 -11.22 -4.55
CA ALA D 88 15.56 -11.21 -5.40
C ALA D 88 15.43 -12.53 -6.13
N ALA D 89 14.20 -13.00 -6.25
CA ALA D 89 13.88 -14.10 -7.15
C ALA D 89 13.85 -13.57 -8.58
N TYR D 90 14.70 -14.13 -9.45
CA TYR D 90 14.84 -13.62 -10.82
C TYR D 90 13.60 -13.95 -11.66
N ASN D 91 12.87 -15.03 -11.30
CA ASN D 91 11.73 -15.47 -12.07
C ASN D 91 10.44 -15.27 -11.28
N ALA D 92 10.45 -14.35 -10.31
CA ALA D 92 9.23 -13.91 -9.66
C ALA D 92 8.45 -13.01 -10.62
N ILE D 93 7.11 -13.10 -10.55
CA ILE D 93 6.24 -12.26 -11.38
C ILE D 93 5.27 -11.48 -10.50
N SER D 94 5.44 -11.55 -9.19
CA SER D 94 4.75 -10.66 -8.28
C SER D 94 5.77 -10.23 -7.23
N LYS D 95 5.54 -9.13 -6.52
CA LYS D 95 6.47 -8.77 -5.47
C LYS D 95 6.23 -9.69 -4.27
N PRO D 96 7.26 -10.00 -3.46
CA PRO D 96 7.08 -10.86 -2.29
C PRO D 96 6.11 -10.24 -1.30
N GLU D 97 5.11 -11.03 -0.90
CA GLU D 97 4.25 -10.66 0.22
C GLU D 97 4.89 -11.24 1.48
N VAL D 98 5.42 -10.36 2.34
CA VAL D 98 6.09 -10.79 3.56
C VAL D 98 5.04 -10.97 4.65
N LEU D 99 4.86 -12.21 5.10
CA LEU D 99 3.75 -12.58 5.97
C LEU D 99 4.12 -12.45 7.44
N THR D 100 5.40 -12.26 7.75
CA THR D 100 5.87 -12.30 9.12
C THR D 100 6.50 -10.97 9.51
N PRO D 101 6.64 -10.68 10.83
CA PRO D 101 7.27 -9.45 11.31
C PRO D 101 8.69 -9.35 10.75
N GLN D 102 9.09 -8.13 10.38
CA GLN D 102 10.37 -7.91 9.74
C GLN D 102 11.45 -7.69 10.80
N LEU D 103 11.74 -8.78 11.53
CA LEU D 103 12.71 -8.82 12.60
C LEU D 103 13.75 -9.88 12.26
N ALA D 104 15.03 -9.57 12.49
CA ALA D 104 16.12 -10.52 12.34
C ALA D 104 16.68 -10.82 13.72
N ARG D 105 17.47 -11.92 13.83
CA ARG D 105 18.19 -12.20 15.04
C ARG D 105 19.67 -11.93 14.80
N VAL D 106 20.25 -11.09 15.66
CA VAL D 106 21.68 -10.84 15.67
C VAL D 106 22.23 -11.65 16.85
N VAL D 107 23.23 -12.50 16.56
CA VAL D 107 23.86 -13.32 17.58
C VAL D 107 25.11 -12.57 18.05
N SER D 108 25.55 -12.85 19.28
CA SER D 108 26.64 -12.12 19.91
C SER D 108 27.95 -12.26 19.17
N ASP D 109 28.05 -13.16 18.18
CA ASP D 109 29.27 -13.32 17.40
C ASP D 109 29.17 -12.59 16.06
N GLY D 110 28.07 -11.87 15.83
CA GLY D 110 27.92 -11.07 14.62
C GLY D 110 27.15 -11.81 13.51
N GLU D 111 26.81 -13.08 13.72
CA GLU D 111 25.94 -13.79 12.79
C GLU D 111 24.57 -13.13 12.84
N VAL D 112 23.96 -12.98 11.66
CA VAL D 112 22.60 -12.46 11.54
C VAL D 112 21.74 -13.49 10.84
N LEU D 113 20.48 -13.63 11.30
CA LEU D 113 19.52 -14.57 10.73
C LEU D 113 18.20 -13.82 10.52
N TYR D 114 17.80 -13.72 9.24
CA TYR D 114 16.49 -13.21 8.85
C TYR D 114 15.75 -14.33 8.12
N MET D 115 14.57 -14.69 8.63
CA MET D 115 13.81 -15.79 8.07
C MET D 115 12.36 -15.38 7.88
N PRO D 116 12.05 -14.57 6.84
CA PRO D 116 10.69 -14.16 6.57
C PRO D 116 9.90 -15.28 5.88
N SER D 117 8.61 -15.38 6.22
CA SER D 117 7.67 -16.17 5.44
C SER D 117 7.20 -15.32 4.27
N ILE D 118 7.37 -15.85 3.06
CA ILE D 118 7.06 -15.12 1.84
C ILE D 118 6.10 -15.93 0.97
N ARG D 119 5.05 -15.24 0.50
CA ARG D 119 4.18 -15.75 -0.54
C ARG D 119 4.49 -14.97 -1.81
N GLN D 120 4.67 -15.69 -2.93
CA GLN D 120 5.17 -15.07 -4.16
C GLN D 120 4.79 -15.93 -5.35
N ARG D 121 4.51 -15.28 -6.48
CA ARG D 121 4.15 -15.97 -7.70
C ARG D 121 5.36 -16.05 -8.62
N PHE D 122 5.54 -17.20 -9.28
CA PHE D 122 6.71 -17.45 -10.10
C PHE D 122 6.29 -17.96 -11.48
N SER D 123 7.10 -17.63 -12.49
CA SER D 123 7.08 -18.28 -13.79
C SER D 123 8.09 -19.43 -13.77
N CYS D 124 7.61 -20.67 -13.94
CA CYS D 124 8.49 -21.83 -13.94
C CYS D 124 7.76 -23.02 -14.55
N ASP D 125 8.50 -24.10 -14.80
CA ASP D 125 7.94 -25.26 -15.48
C ASP D 125 6.94 -25.97 -14.57
N VAL D 126 5.65 -25.83 -14.89
CA VAL D 126 4.59 -26.47 -14.12
C VAL D 126 4.11 -27.75 -14.82
N SER D 127 4.75 -28.12 -15.94
CA SER D 127 4.30 -29.28 -16.70
C SER D 127 4.49 -30.57 -15.91
N GLY D 128 3.50 -31.47 -16.03
CA GLY D 128 3.57 -32.80 -15.46
C GLY D 128 3.16 -32.84 -13.99
N VAL D 129 2.56 -31.74 -13.50
CA VAL D 129 2.25 -31.58 -12.09
C VAL D 129 1.20 -32.59 -11.63
N ASP D 130 0.35 -33.06 -12.55
CA ASP D 130 -0.70 -34.01 -12.23
C ASP D 130 -0.28 -35.42 -12.58
N THR D 131 1.00 -35.60 -12.93
CA THR D 131 1.53 -36.93 -13.23
C THR D 131 2.35 -37.40 -12.03
N GLU D 132 2.88 -38.63 -12.12
CA GLU D 132 3.55 -39.26 -11.01
C GLU D 132 4.95 -38.67 -10.82
N SER D 133 5.62 -38.33 -11.93
CA SER D 133 6.96 -37.79 -11.89
C SER D 133 6.93 -36.33 -11.43
N GLY D 134 5.79 -35.67 -11.64
CA GLY D 134 5.55 -34.33 -11.12
C GLY D 134 6.15 -33.24 -12.02
N ALA D 135 6.04 -31.99 -11.54
CA ALA D 135 6.69 -30.86 -12.18
C ALA D 135 7.98 -30.50 -11.43
N THR D 136 8.89 -29.81 -12.13
CA THR D 136 10.08 -29.26 -11.51
C THR D 136 10.09 -27.75 -11.78
N CYS D 137 9.76 -26.98 -10.73
CA CYS D 137 9.74 -25.53 -10.77
C CYS D 137 11.06 -25.00 -10.19
N ARG D 138 11.84 -24.31 -11.03
CA ARG D 138 13.14 -23.78 -10.62
C ARG D 138 12.99 -22.31 -10.21
N ILE D 139 13.38 -22.00 -8.97
CA ILE D 139 13.41 -20.65 -8.45
C ILE D 139 14.86 -20.21 -8.28
N LYS D 140 15.22 -19.07 -8.89
CA LYS D 140 16.53 -18.48 -8.74
C LYS D 140 16.46 -17.29 -7.79
N ILE D 141 17.39 -17.24 -6.83
CA ILE D 141 17.45 -16.17 -5.85
C ILE D 141 18.89 -15.77 -5.63
N GLY D 142 19.16 -14.47 -5.78
CA GLY D 142 20.48 -13.91 -5.54
C GLY D 142 20.41 -12.40 -5.38
N SER D 143 21.57 -11.78 -5.12
CA SER D 143 21.67 -10.33 -5.01
C SER D 143 21.30 -9.69 -6.34
N TRP D 144 20.62 -8.55 -6.28
CA TRP D 144 20.20 -7.85 -7.48
C TRP D 144 21.32 -6.94 -7.97
N THR D 145 22.04 -6.29 -7.04
CA THR D 145 22.98 -5.25 -7.43
C THR D 145 24.42 -5.57 -7.01
N HIS D 146 24.64 -6.63 -6.21
CA HIS D 146 25.99 -6.97 -5.75
C HIS D 146 26.57 -8.18 -6.50
N HIS D 147 27.69 -7.96 -7.19
CA HIS D 147 28.34 -9.02 -7.95
C HIS D 147 29.18 -9.91 -7.03
N SER D 148 29.75 -10.96 -7.63
CA SER D 148 30.37 -12.07 -6.91
C SER D 148 31.48 -11.62 -5.97
N ARG D 149 32.14 -10.49 -6.29
CA ARG D 149 33.21 -9.98 -5.46
C ARG D 149 32.65 -9.26 -4.23
N GLU D 150 31.35 -8.93 -4.24
CA GLU D 150 30.72 -8.16 -3.17
C GLU D 150 29.80 -9.07 -2.34
N ILE D 151 29.00 -9.89 -3.01
CA ILE D 151 28.14 -10.85 -2.33
C ILE D 151 28.30 -12.21 -3.00
N SER D 152 28.53 -13.23 -2.16
CA SER D 152 28.43 -14.61 -2.59
C SER D 152 27.18 -15.23 -1.96
N VAL D 153 26.50 -16.04 -2.77
CA VAL D 153 25.30 -16.74 -2.36
C VAL D 153 25.61 -18.24 -2.38
N ASP D 154 25.24 -18.91 -1.29
CA ASP D 154 25.51 -20.33 -1.12
C ASP D 154 24.27 -20.99 -0.50
N PRO D 155 23.91 -22.22 -0.94
CA PRO D 155 22.82 -22.94 -0.29
C PRO D 155 23.28 -23.35 1.11
N THR D 156 22.32 -23.43 2.04
CA THR D 156 22.63 -23.93 3.38
C THR D 156 23.32 -25.29 3.25
N THR D 157 24.26 -25.56 4.16
CA THR D 157 25.22 -26.63 3.98
C THR D 157 24.54 -28.00 4.15
N GLU D 158 23.46 -28.06 4.94
CA GLU D 158 22.84 -29.32 5.31
C GLU D 158 21.60 -29.60 4.46
N ASN D 159 21.30 -30.90 4.28
CA ASN D 159 20.18 -31.35 3.47
C ASN D 159 19.09 -31.88 4.42
N SER D 160 18.34 -30.95 5.04
CA SER D 160 17.21 -31.30 5.87
C SER D 160 16.01 -31.67 4.99
N ASP D 161 15.01 -32.34 5.57
CA ASP D 161 13.91 -32.91 4.80
C ASP D 161 13.16 -31.82 4.05
N ASP D 162 12.50 -32.23 2.96
CA ASP D 162 11.88 -31.33 2.00
C ASP D 162 10.52 -30.87 2.52
N SER D 163 9.69 -31.83 2.94
CA SER D 163 8.32 -31.57 3.37
C SER D 163 8.25 -31.34 4.88
N GLU D 164 9.33 -30.86 5.49
CA GLU D 164 9.42 -30.87 6.95
C GLU D 164 8.42 -29.88 7.54
N TYR D 165 8.26 -28.72 6.88
CA TYR D 165 7.36 -27.67 7.35
C TYR D 165 6.21 -27.48 6.37
N PHE D 166 6.07 -28.42 5.42
CA PHE D 166 5.16 -28.26 4.30
C PHE D 166 3.73 -28.63 4.71
N SER D 167 2.80 -27.67 4.58
CA SER D 167 1.42 -27.87 4.93
C SER D 167 0.94 -29.24 4.43
N GLN D 168 0.42 -30.05 5.35
CA GLN D 168 -0.20 -31.30 4.99
C GLN D 168 -1.47 -31.03 4.16
N TYR D 169 -2.00 -29.80 4.25
CA TYR D 169 -3.32 -29.50 3.70
C TYR D 169 -3.23 -28.98 2.27
N SER D 170 -2.01 -28.81 1.74
CA SER D 170 -1.83 -28.39 0.36
C SER D 170 -2.41 -29.43 -0.57
N ARG D 171 -2.87 -28.99 -1.76
CA ARG D 171 -3.36 -29.89 -2.79
C ARG D 171 -2.19 -30.67 -3.38
N PHE D 172 -0.97 -30.19 -3.12
CA PHE D 172 0.22 -30.76 -3.72
C PHE D 172 1.08 -31.42 -2.64
N GLU D 173 2.09 -32.17 -3.09
CA GLU D 173 3.10 -32.72 -2.22
C GLU D 173 4.45 -32.51 -2.91
N ILE D 174 5.50 -32.42 -2.08
CA ILE D 174 6.87 -32.27 -2.55
C ILE D 174 7.47 -33.66 -2.68
N LEU D 175 8.13 -33.90 -3.82
CA LEU D 175 8.84 -35.15 -4.08
C LEU D 175 10.31 -34.99 -3.76
N ASP D 176 10.91 -33.86 -4.15
CA ASP D 176 12.31 -33.58 -3.88
C ASP D 176 12.60 -32.09 -4.05
N VAL D 177 13.55 -31.59 -3.26
CA VAL D 177 14.00 -30.21 -3.35
C VAL D 177 15.51 -30.21 -3.51
N THR D 178 16.02 -29.33 -4.38
CA THR D 178 17.42 -29.36 -4.79
C THR D 178 17.92 -27.94 -4.95
N GLN D 179 18.89 -27.57 -4.10
CA GLN D 179 19.44 -26.23 -4.07
C GLN D 179 20.86 -26.28 -4.63
N LYS D 180 21.10 -25.54 -5.72
CA LYS D 180 22.40 -25.52 -6.38
C LYS D 180 22.88 -24.08 -6.58
N LYS D 181 24.17 -23.86 -6.34
CA LYS D 181 24.85 -22.59 -6.59
C LYS D 181 24.88 -22.37 -8.09
N ASN D 182 25.01 -21.09 -8.49
CA ASN D 182 24.99 -20.71 -9.90
C ASN D 182 25.51 -19.27 -10.00
N SER D 183 25.83 -18.82 -11.22
CA SER D 183 26.49 -17.54 -11.42
C SER D 183 26.36 -17.08 -12.87
N VAL D 184 25.77 -15.88 -13.09
CA VAL D 184 25.50 -15.37 -14.42
C VAL D 184 26.24 -14.06 -14.68
N THR D 185 26.64 -13.83 -15.94
CA THR D 185 27.05 -12.53 -16.44
C THR D 185 25.90 -11.96 -17.26
N TYR D 186 25.76 -10.62 -17.23
CA TYR D 186 24.67 -9.94 -17.92
C TYR D 186 25.24 -8.95 -18.92
N SER D 187 24.38 -8.46 -19.82
CA SER D 187 24.76 -7.59 -20.92
C SER D 187 25.28 -6.25 -20.41
N CYS D 188 24.80 -5.82 -19.24
CA CYS D 188 25.17 -4.54 -18.66
C CYS D 188 26.67 -4.49 -18.36
N CYS D 189 27.21 -5.61 -17.88
CA CYS D 189 28.41 -5.58 -17.06
C CYS D 189 29.33 -6.76 -17.42
N PRO D 190 30.64 -6.68 -17.12
CA PRO D 190 31.51 -7.86 -17.15
C PRO D 190 31.54 -8.73 -15.89
N GLU D 191 31.07 -8.19 -14.75
CA GLU D 191 31.06 -8.91 -13.49
C GLU D 191 29.91 -9.93 -13.48
N ALA D 192 30.00 -10.90 -12.56
CA ALA D 192 29.04 -11.98 -12.45
C ALA D 192 28.24 -11.86 -11.15
N TYR D 193 27.00 -12.37 -11.17
CA TYR D 193 26.06 -12.25 -10.07
C TYR D 193 25.66 -13.66 -9.65
N GLU D 194 25.90 -14.02 -8.39
CA GLU D 194 25.72 -15.39 -7.92
C GLU D 194 24.28 -15.60 -7.47
N ASP D 195 23.79 -16.84 -7.62
CA ASP D 195 22.46 -17.20 -7.16
C ASP D 195 22.42 -18.65 -6.67
N VAL D 196 21.40 -18.95 -5.86
CA VAL D 196 20.98 -20.32 -5.61
C VAL D 196 19.75 -20.60 -6.48
N GLU D 197 19.81 -21.69 -7.25
CA GLU D 197 18.68 -22.19 -8.01
C GLU D 197 18.03 -23.31 -7.21
N VAL D 198 16.79 -23.08 -6.76
CA VAL D 198 16.05 -24.09 -6.02
C VAL D 198 15.13 -24.81 -7.01
N SER D 199 15.23 -26.13 -7.04
CA SER D 199 14.42 -26.96 -7.93
C SER D 199 13.38 -27.70 -7.11
N LEU D 200 12.12 -27.28 -7.24
CA LEU D 200 11.03 -27.83 -6.47
C LEU D 200 10.30 -28.87 -7.32
N ASN D 201 10.55 -30.16 -7.01
CA ASN D 201 9.88 -31.26 -7.68
C ASN D 201 8.63 -31.60 -6.86
N PHE D 202 7.46 -31.28 -7.42
CA PHE D 202 6.20 -31.41 -6.69
C PHE D 202 5.12 -31.93 -7.63
N ARG D 203 4.03 -32.44 -7.05
CA ARG D 203 2.93 -32.99 -7.83
C ARG D 203 1.63 -32.89 -7.04
N LYS D 204 0.50 -33.01 -7.76
CA LYS D 204 -0.80 -33.09 -7.13
C LYS D 204 -0.94 -34.45 -6.45
N LYS D 205 -1.47 -34.44 -5.22
CA LYS D 205 -1.71 -35.68 -4.50
C LYS D 205 -2.70 -36.53 -5.29
N GLY D 206 -2.43 -37.85 -5.32
CA GLY D 206 -3.38 -38.80 -5.89
C GLY D 206 -4.67 -38.81 -5.07
N ARG D 207 -5.78 -39.16 -5.71
CA ARG D 207 -7.09 -39.09 -5.09
C ARG D 207 -7.19 -40.20 -4.04
N SER D 208 -6.60 -39.95 -2.86
CA SER D 208 -6.55 -40.91 -1.77
C SER D 208 -6.43 -40.17 -0.43
N SER E 1 42.59 6.39 1.61
CA SER E 1 41.59 5.40 1.15
C SER E 1 40.27 5.59 1.91
N LEU E 2 39.17 5.63 1.15
CA LEU E 2 37.83 5.66 1.74
C LEU E 2 37.22 4.26 1.62
N ASP E 3 36.36 3.92 2.59
CA ASP E 3 35.61 2.67 2.57
C ASP E 3 34.25 2.93 1.92
N ARG E 4 33.40 1.90 1.85
CA ARG E 4 32.08 2.03 1.24
C ARG E 4 31.20 2.97 2.07
N ALA E 5 31.45 3.04 3.39
CA ALA E 5 30.65 3.88 4.27
C ALA E 5 30.94 5.36 3.98
N ASP E 6 32.22 5.66 3.73
CA ASP E 6 32.67 7.01 3.43
C ASP E 6 32.10 7.46 2.09
N ILE E 7 32.11 6.55 1.10
CA ILE E 7 31.59 6.85 -0.23
C ILE E 7 30.10 7.18 -0.13
N LEU E 8 29.34 6.32 0.56
CA LEU E 8 27.92 6.53 0.73
C LEU E 8 27.67 7.85 1.46
N TYR E 9 28.51 8.16 2.47
CA TYR E 9 28.36 9.39 3.23
C TYR E 9 28.58 10.58 2.32
N ASN E 10 29.62 10.52 1.48
CA ASN E 10 29.98 11.62 0.60
C ASN E 10 28.89 11.83 -0.45
N ILE E 11 28.20 10.74 -0.84
CA ILE E 11 27.11 10.83 -1.79
C ILE E 11 25.92 11.54 -1.16
N ARG E 12 25.63 11.25 0.11
CA ARG E 12 24.51 11.86 0.80
C ARG E 12 24.78 13.33 1.12
N GLN E 13 26.05 13.75 0.99
CA GLN E 13 26.45 15.13 1.20
C GLN E 13 26.25 15.96 -0.08
N THR E 14 26.51 15.35 -1.25
CA THR E 14 26.52 16.10 -2.50
C THR E 14 25.30 15.78 -3.37
N SER E 15 24.63 14.65 -3.11
CA SER E 15 23.47 14.28 -3.90
C SER E 15 22.27 15.12 -3.48
N ARG E 16 21.62 15.73 -4.47
CA ARG E 16 20.36 16.44 -4.28
C ARG E 16 19.30 15.68 -5.06
N PRO E 17 18.58 14.72 -4.43
CA PRO E 17 17.68 13.83 -5.18
C PRO E 17 16.54 14.50 -5.94
N ASP E 18 16.23 15.77 -5.60
CA ASP E 18 15.11 16.49 -6.17
C ASP E 18 15.58 17.53 -7.18
N VAL E 19 16.85 17.44 -7.61
CA VAL E 19 17.43 18.42 -8.52
C VAL E 19 18.10 17.67 -9.67
N ILE E 20 17.66 17.97 -10.89
CA ILE E 20 18.22 17.33 -12.07
C ILE E 20 19.70 17.75 -12.19
N PRO E 21 20.64 16.80 -12.37
CA PRO E 21 22.06 17.13 -12.47
C PRO E 21 22.53 17.49 -13.87
N THR E 22 22.04 18.62 -14.38
CA THR E 22 22.46 19.12 -15.67
C THR E 22 23.86 19.72 -15.54
N GLN E 23 24.68 19.45 -16.57
CA GLN E 23 26.01 20.03 -16.70
C GLN E 23 25.95 21.01 -17.86
N ARG E 24 26.54 22.21 -17.67
CA ARG E 24 26.24 23.36 -18.52
C ARG E 24 24.74 23.65 -18.35
N ASP E 25 24.08 24.05 -19.45
CA ASP E 25 22.64 23.94 -19.54
C ASP E 25 22.32 22.92 -20.63
N ARG E 26 23.04 21.78 -20.58
CA ARG E 26 22.82 20.66 -21.47
C ARG E 26 21.81 19.70 -20.84
N PRO E 27 21.03 18.92 -21.63
CA PRO E 27 20.10 17.96 -21.06
C PRO E 27 20.87 16.79 -20.45
N VAL E 28 20.26 16.13 -19.47
CA VAL E 28 20.82 14.88 -18.95
C VAL E 28 20.50 13.80 -19.97
N ALA E 29 21.54 13.14 -20.48
CA ALA E 29 21.35 12.05 -21.43
C ALA E 29 20.97 10.79 -20.68
N VAL E 30 19.68 10.42 -20.75
CA VAL E 30 19.18 9.22 -20.09
C VAL E 30 19.03 8.13 -21.15
N SER E 31 19.60 6.95 -20.89
CA SER E 31 19.41 5.78 -21.75
C SER E 31 18.37 4.85 -21.14
N VAL E 32 17.49 4.29 -21.99
CA VAL E 32 16.45 3.37 -21.57
C VAL E 32 16.41 2.18 -22.53
N SER E 33 16.50 0.98 -21.98
CA SER E 33 16.45 -0.24 -22.77
C SER E 33 15.69 -1.32 -22.00
N LEU E 34 14.54 -1.74 -22.55
CA LEU E 34 13.72 -2.77 -21.92
C LEU E 34 14.29 -4.14 -22.24
N LYS E 35 14.30 -5.02 -21.23
CA LYS E 35 14.60 -6.43 -21.45
C LYS E 35 13.38 -7.24 -20.98
N PHE E 36 12.59 -7.70 -21.95
CA PHE E 36 11.35 -8.38 -21.66
C PHE E 36 11.65 -9.74 -21.04
N ILE E 37 11.04 -10.00 -19.88
CA ILE E 37 11.24 -11.26 -19.18
C ILE E 37 10.02 -12.15 -19.36
N ASN E 38 8.83 -11.55 -19.41
CA ASN E 38 7.62 -12.35 -19.49
C ASN E 38 6.47 -11.51 -20.06
N ILE E 39 5.50 -12.23 -20.62
CA ILE E 39 4.23 -11.69 -21.09
C ILE E 39 3.14 -12.54 -20.46
N LEU E 40 2.36 -11.97 -19.56
CA LEU E 40 1.67 -12.77 -18.55
C LEU E 40 0.18 -12.94 -18.86
N GLU E 41 -0.48 -11.87 -19.32
CA GLU E 41 -1.93 -11.92 -19.48
C GLU E 41 -2.32 -11.01 -20.63
N VAL E 42 -2.66 -11.62 -21.75
CA VAL E 42 -3.00 -10.90 -22.97
C VAL E 42 -4.51 -10.93 -23.17
N ASN E 43 -5.03 -9.87 -23.80
CA ASN E 43 -6.44 -9.78 -24.08
C ASN E 43 -6.62 -9.04 -25.40
N GLU E 44 -6.94 -9.78 -26.45
CA GLU E 44 -7.10 -9.23 -27.79
C GLU E 44 -8.35 -8.37 -27.88
N ILE E 45 -9.33 -8.62 -27.00
CA ILE E 45 -10.59 -7.89 -27.00
C ILE E 45 -10.35 -6.47 -26.50
N THR E 46 -9.59 -6.35 -25.41
CA THR E 46 -9.45 -5.09 -24.71
C THR E 46 -8.15 -4.38 -25.09
N ASN E 47 -7.30 -5.06 -25.89
CA ASN E 47 -6.00 -4.53 -26.27
C ASN E 47 -5.19 -4.20 -25.01
N GLU E 48 -5.02 -5.18 -24.13
CA GLU E 48 -4.28 -4.98 -22.90
C GLU E 48 -3.32 -6.15 -22.70
N VAL E 49 -2.12 -5.81 -22.22
CA VAL E 49 -1.05 -6.77 -22.02
C VAL E 49 -0.44 -6.52 -20.65
N ASP E 50 -0.03 -7.61 -20.00
CA ASP E 50 0.61 -7.54 -18.71
C ASP E 50 2.01 -8.12 -18.89
N VAL E 51 3.03 -7.27 -18.72
CA VAL E 51 4.38 -7.58 -19.15
C VAL E 51 5.35 -7.40 -17.98
N VAL E 52 6.37 -8.26 -17.93
CA VAL E 52 7.47 -8.11 -16.99
C VAL E 52 8.73 -7.79 -17.78
N PHE E 53 9.45 -6.73 -17.36
CA PHE E 53 10.65 -6.32 -18.06
C PHE E 53 11.66 -5.71 -17.08
N TRP E 54 12.94 -5.86 -17.43
CA TRP E 54 14.02 -5.11 -16.81
C TRP E 54 14.23 -3.81 -17.59
N GLN E 55 14.19 -2.68 -16.87
CA GLN E 55 14.37 -1.37 -17.47
C GLN E 55 15.79 -0.89 -17.20
N GLN E 56 16.70 -1.17 -18.15
CA GLN E 56 18.04 -0.60 -18.12
C GLN E 56 18.00 0.91 -18.29
N THR E 57 18.34 1.64 -17.21
CA THR E 57 18.32 3.09 -17.16
C THR E 57 19.69 3.61 -16.74
N THR E 58 20.40 4.29 -17.66
CA THR E 58 21.69 4.87 -17.30
C THR E 58 21.67 6.37 -17.58
N TRP E 59 22.39 7.11 -16.71
CA TRP E 59 22.67 8.52 -16.87
C TRP E 59 23.90 8.87 -16.04
N SER E 60 24.37 10.12 -16.17
CA SER E 60 25.50 10.60 -15.39
C SER E 60 25.08 11.71 -14.45
N ASP E 61 25.55 11.61 -13.21
CA ASP E 61 25.43 12.67 -12.22
C ASP E 61 26.83 12.91 -11.66
N ARG E 62 27.46 14.00 -12.08
CA ARG E 62 28.84 14.27 -11.70
C ARG E 62 28.94 14.66 -10.23
N THR E 63 27.82 15.02 -9.59
CA THR E 63 27.81 15.41 -8.19
C THR E 63 28.14 14.21 -7.28
N LEU E 64 28.05 12.99 -7.80
CA LEU E 64 28.24 11.78 -7.01
C LEU E 64 29.66 11.27 -7.14
N ALA E 65 30.50 11.92 -7.95
CA ALA E 65 31.82 11.39 -8.29
C ALA E 65 32.76 11.50 -7.09
N TRP E 66 33.69 10.53 -7.00
CA TRP E 66 34.70 10.51 -5.94
C TRP E 66 36.04 10.01 -6.50
N ASP E 67 37.09 10.13 -5.70
CA ASP E 67 38.41 9.65 -6.08
C ASP E 67 38.52 8.16 -5.76
N SER E 68 38.73 7.36 -6.80
CA SER E 68 38.67 5.90 -6.72
C SER E 68 40.05 5.27 -6.88
N SER E 69 41.10 5.98 -6.44
CA SER E 69 42.47 5.57 -6.69
C SER E 69 42.77 4.29 -5.90
N HIS E 70 42.76 4.40 -4.57
CA HIS E 70 42.89 3.25 -3.68
C HIS E 70 41.60 3.13 -2.88
N SER E 71 40.51 2.85 -3.60
CA SER E 71 39.18 2.72 -3.05
C SER E 71 38.30 2.03 -4.07
N PRO E 72 37.12 1.48 -3.69
CA PRO E 72 36.26 0.77 -4.65
C PRO E 72 35.61 1.74 -5.63
N ASP E 73 35.46 1.29 -6.89
CA ASP E 73 35.07 2.18 -7.98
C ASP E 73 33.57 2.12 -8.23
N GLN E 74 32.82 1.34 -7.42
CA GLN E 74 31.37 1.26 -7.57
C GLN E 74 30.71 0.97 -6.22
N VAL E 75 29.50 1.49 -6.02
CA VAL E 75 28.70 1.12 -4.86
C VAL E 75 27.24 0.93 -5.27
N SER E 76 26.52 0.08 -4.53
CA SER E 76 25.06 0.08 -4.58
C SER E 76 24.51 1.13 -3.63
N VAL E 77 23.48 1.84 -4.09
CA VAL E 77 22.92 2.99 -3.38
C VAL E 77 21.41 2.95 -3.53
N PRO E 78 20.62 3.15 -2.44
CA PRO E 78 19.17 3.27 -2.57
C PRO E 78 18.81 4.49 -3.41
N ILE E 79 17.82 4.34 -4.30
CA ILE E 79 17.50 5.39 -5.25
C ILE E 79 16.92 6.63 -4.57
N SER E 80 16.42 6.48 -3.34
CA SER E 80 15.93 7.62 -2.58
C SER E 80 17.08 8.54 -2.16
N SER E 81 18.33 8.10 -2.31
CA SER E 81 19.50 8.93 -2.04
C SER E 81 19.97 9.67 -3.30
N LEU E 82 19.40 9.34 -4.46
CA LEU E 82 19.88 9.82 -5.75
C LEU E 82 18.78 10.52 -6.51
N TRP E 83 19.16 11.47 -7.38
CA TRP E 83 18.23 11.93 -8.41
C TRP E 83 18.05 10.80 -9.40
N VAL E 84 16.78 10.50 -9.72
CA VAL E 84 16.39 9.48 -10.67
C VAL E 84 15.52 10.15 -11.72
N PRO E 85 15.64 9.79 -13.02
CA PRO E 85 14.75 10.35 -14.03
C PRO E 85 13.29 9.95 -13.80
N ASP E 86 12.39 10.87 -14.11
CA ASP E 86 10.96 10.71 -13.85
C ASP E 86 10.31 10.05 -15.06
N LEU E 87 10.78 8.85 -15.39
CA LEU E 87 10.24 8.12 -16.52
C LEU E 87 8.81 7.68 -16.20
N ALA E 88 7.97 7.68 -17.25
CA ALA E 88 6.63 7.15 -17.22
C ALA E 88 6.36 6.43 -18.53
N ALA E 89 5.63 5.31 -18.47
CA ALA E 89 5.10 4.71 -19.67
C ALA E 89 3.81 5.44 -20.01
N TYR E 90 3.77 6.06 -21.20
CA TYR E 90 2.65 6.92 -21.57
C TYR E 90 1.38 6.11 -21.72
N ASN E 91 1.48 4.83 -22.16
CA ASN E 91 0.30 4.00 -22.41
C ASN E 91 0.13 2.92 -21.34
N ALA E 92 0.75 3.13 -20.17
CA ALA E 92 0.52 2.26 -19.03
C ALA E 92 -0.89 2.51 -18.49
N ILE E 93 -1.56 1.44 -18.04
CA ILE E 93 -2.88 1.56 -17.44
C ILE E 93 -2.87 1.01 -16.02
N SER E 94 -1.68 0.69 -15.50
CA SER E 94 -1.48 0.40 -14.10
C SER E 94 -0.17 1.02 -13.63
N LYS E 95 -0.04 1.26 -12.33
CA LYS E 95 1.23 1.69 -11.75
C LYS E 95 2.27 0.60 -12.04
N PRO E 96 3.56 0.96 -12.14
CA PRO E 96 4.64 -0.04 -12.21
C PRO E 96 4.81 -0.77 -10.88
N GLU E 97 4.68 -2.10 -10.92
CA GLU E 97 4.93 -2.95 -9.79
C GLU E 97 6.41 -3.35 -9.84
N VAL E 98 7.22 -2.65 -9.03
CA VAL E 98 8.66 -2.87 -8.96
C VAL E 98 8.95 -4.13 -8.13
N LEU E 99 9.53 -5.15 -8.77
CA LEU E 99 9.70 -6.48 -8.19
C LEU E 99 11.03 -6.62 -7.46
N THR E 100 11.96 -5.67 -7.66
CA THR E 100 13.33 -5.85 -7.20
C THR E 100 13.65 -4.80 -6.15
N PRO E 101 14.72 -5.01 -5.36
CA PRO E 101 15.24 -3.98 -4.46
C PRO E 101 15.56 -2.66 -5.17
N GLN E 102 15.14 -1.54 -4.56
CA GLN E 102 15.23 -0.25 -5.20
C GLN E 102 16.60 0.35 -4.93
N LEU E 103 17.62 -0.31 -5.50
CA LEU E 103 19.00 0.11 -5.42
C LEU E 103 19.50 0.40 -6.84
N ALA E 104 20.41 1.39 -6.97
CA ALA E 104 21.11 1.63 -8.22
C ALA E 104 22.62 1.51 -8.00
N ARG E 105 23.35 1.24 -9.08
CA ARG E 105 24.80 1.25 -9.05
C ARG E 105 25.28 2.65 -9.40
N VAL E 106 26.31 3.10 -8.68
CA VAL E 106 26.99 4.36 -8.95
C VAL E 106 28.47 4.04 -9.14
N VAL E 107 29.03 4.47 -10.27
CA VAL E 107 30.46 4.38 -10.54
C VAL E 107 31.13 5.68 -10.11
N SER E 108 32.46 5.64 -9.87
CA SER E 108 33.19 6.76 -9.28
C SER E 108 33.22 7.98 -10.21
N ASP E 109 32.97 7.76 -11.51
CA ASP E 109 32.89 8.83 -12.49
C ASP E 109 31.53 9.53 -12.39
N GLY E 110 30.58 8.92 -11.68
CA GLY E 110 29.26 9.48 -11.50
C GLY E 110 28.24 8.86 -12.46
N GLU E 111 28.64 7.81 -13.18
CA GLU E 111 27.73 7.09 -14.05
C GLU E 111 26.83 6.22 -13.18
N VAL E 112 25.51 6.29 -13.42
CA VAL E 112 24.52 5.60 -12.62
C VAL E 112 23.80 4.57 -13.49
N LEU E 113 23.55 3.39 -12.91
CA LEU E 113 22.76 2.35 -13.55
C LEU E 113 21.65 1.92 -12.59
N TYR E 114 20.40 2.12 -12.99
CA TYR E 114 19.24 1.61 -12.28
C TYR E 114 18.53 0.62 -13.20
N MET E 115 18.26 -0.60 -12.71
CA MET E 115 17.64 -1.62 -13.53
C MET E 115 16.59 -2.38 -12.73
N PRO E 116 15.41 -1.77 -12.50
CA PRO E 116 14.32 -2.46 -11.81
C PRO E 116 13.67 -3.47 -12.74
N SER E 117 13.29 -4.62 -12.18
CA SER E 117 12.33 -5.50 -12.80
C SER E 117 10.94 -4.94 -12.53
N ILE E 118 10.21 -4.61 -13.60
CA ILE E 118 8.91 -3.99 -13.45
C ILE E 118 7.85 -4.89 -14.07
N ARG E 119 6.71 -5.01 -13.37
CA ARG E 119 5.52 -5.63 -13.92
C ARG E 119 4.49 -4.52 -14.07
N GLN E 120 3.88 -4.43 -15.27
CA GLN E 120 2.99 -3.34 -15.61
C GLN E 120 2.03 -3.79 -16.72
N ARG E 121 0.84 -3.16 -16.75
CA ARG E 121 -0.16 -3.43 -17.77
C ARG E 121 -0.23 -2.25 -18.74
N PHE E 122 -0.39 -2.55 -20.03
CA PHE E 122 -0.31 -1.55 -21.07
C PHE E 122 -1.52 -1.64 -21.98
N SER E 123 -1.95 -0.47 -22.47
CA SER E 123 -2.90 -0.38 -23.56
C SER E 123 -2.10 -0.33 -24.86
N CYS E 124 -2.27 -1.34 -25.72
CA CYS E 124 -1.50 -1.42 -26.95
C CYS E 124 -2.12 -2.46 -27.87
N ASP E 125 -1.63 -2.53 -29.12
CA ASP E 125 -2.23 -3.38 -30.12
C ASP E 125 -1.92 -4.86 -29.83
N VAL E 126 -2.97 -5.62 -29.49
CA VAL E 126 -2.83 -7.05 -29.27
C VAL E 126 -3.36 -7.83 -30.48
N SER E 127 -3.92 -7.15 -31.48
CA SER E 127 -4.46 -7.84 -32.64
C SER E 127 -3.38 -8.70 -33.27
N GLY E 128 -3.75 -9.93 -33.62
CA GLY E 128 -2.88 -10.83 -34.37
C GLY E 128 -2.00 -11.69 -33.46
N VAL E 129 -2.25 -11.63 -32.13
CA VAL E 129 -1.43 -12.33 -31.15
C VAL E 129 -1.43 -13.82 -31.43
N ASP E 130 -2.60 -14.38 -31.81
CA ASP E 130 -2.75 -15.80 -32.06
C ASP E 130 -2.46 -16.14 -33.52
N THR E 131 -2.07 -15.17 -34.33
CA THR E 131 -1.68 -15.45 -35.71
C THR E 131 -0.18 -15.71 -35.75
N GLU E 132 0.31 -16.11 -36.92
CA GLU E 132 1.69 -16.56 -37.07
C GLU E 132 2.64 -15.36 -37.05
N SER E 133 2.20 -14.22 -37.57
CA SER E 133 3.05 -13.04 -37.65
C SER E 133 2.97 -12.22 -36.35
N GLY E 134 2.00 -12.54 -35.49
CA GLY E 134 1.97 -12.02 -34.12
C GLY E 134 1.32 -10.64 -34.03
N ALA E 135 1.20 -10.15 -32.80
CA ALA E 135 0.82 -8.75 -32.53
C ALA E 135 2.09 -7.92 -32.37
N THR E 136 1.96 -6.60 -32.55
CA THR E 136 3.03 -5.68 -32.25
C THR E 136 2.54 -4.64 -31.25
N CYS E 137 2.94 -4.80 -29.98
CA CYS E 137 2.59 -3.91 -28.90
C CYS E 137 3.66 -2.83 -28.73
N ARG E 138 3.27 -1.56 -28.92
CA ARG E 138 4.19 -0.44 -28.78
C ARG E 138 4.08 0.15 -27.37
N ILE E 139 5.23 0.26 -26.71
CA ILE E 139 5.34 0.86 -25.39
C ILE E 139 6.18 2.13 -25.48
N LYS E 140 5.62 3.25 -25.03
CA LYS E 140 6.27 4.55 -25.05
C LYS E 140 6.72 4.94 -23.64
N ILE E 141 8.03 5.22 -23.48
CA ILE E 141 8.58 5.62 -22.20
C ILE E 141 9.41 6.89 -22.35
N GLY E 142 9.07 7.92 -21.57
CA GLY E 142 9.93 9.09 -21.40
C GLY E 142 9.68 9.83 -20.09
N SER E 143 10.44 10.91 -19.89
CA SER E 143 10.23 11.82 -18.78
C SER E 143 8.79 12.32 -18.78
N TRP E 144 8.22 12.49 -17.58
CA TRP E 144 6.87 12.98 -17.43
C TRP E 144 6.84 14.51 -17.39
N THR E 145 7.82 15.14 -16.73
CA THR E 145 7.81 16.60 -16.54
C THR E 145 9.08 17.27 -17.04
N HIS E 146 10.02 16.52 -17.65
CA HIS E 146 11.22 17.15 -18.19
C HIS E 146 11.19 17.07 -19.71
N HIS E 147 11.21 18.24 -20.36
CA HIS E 147 11.25 18.39 -21.80
C HIS E 147 12.67 18.15 -22.33
N SER E 148 12.84 18.34 -23.64
CA SER E 148 14.04 17.94 -24.37
C SER E 148 15.29 18.74 -23.97
N ARG E 149 15.10 19.97 -23.48
CA ARG E 149 16.23 20.80 -23.04
C ARG E 149 16.70 20.39 -21.64
N GLU E 150 16.05 19.39 -21.02
CA GLU E 150 16.35 18.98 -19.65
C GLU E 150 16.68 17.49 -19.59
N ILE E 151 15.90 16.67 -20.31
CA ILE E 151 16.20 15.27 -20.44
C ILE E 151 16.13 14.88 -21.91
N SER E 152 17.22 14.25 -22.38
CA SER E 152 17.19 13.50 -23.62
C SER E 152 17.02 12.02 -23.28
N VAL E 153 16.17 11.35 -24.06
CA VAL E 153 15.93 9.93 -23.88
C VAL E 153 16.39 9.23 -25.15
N ASP E 154 17.22 8.19 -24.99
CA ASP E 154 17.80 7.49 -26.13
C ASP E 154 17.89 6.01 -25.82
N PRO E 155 17.63 5.13 -26.80
CA PRO E 155 17.89 3.69 -26.65
C PRO E 155 19.36 3.35 -26.84
N THR E 156 19.85 2.38 -26.06
CA THR E 156 21.17 1.81 -26.27
C THR E 156 21.03 0.56 -27.13
N THR E 157 21.32 0.71 -28.43
CA THR E 157 21.20 -0.40 -29.38
C THR E 157 22.44 -1.27 -29.29
N GLU E 158 22.40 -2.25 -28.38
CA GLU E 158 23.30 -3.38 -28.40
C GLU E 158 22.51 -4.57 -27.85
N ASN E 159 21.34 -4.80 -28.47
CA ASN E 159 20.35 -5.72 -27.96
C ASN E 159 20.97 -7.09 -27.75
N SER E 160 21.24 -7.42 -26.48
CA SER E 160 21.73 -8.75 -26.10
C SER E 160 20.61 -9.76 -26.31
N ASP E 161 20.34 -10.09 -27.59
CA ASP E 161 19.23 -10.93 -28.00
C ASP E 161 17.93 -10.44 -27.37
N ASP E 162 16.96 -10.11 -28.24
CA ASP E 162 15.65 -9.60 -27.84
C ASP E 162 14.99 -10.55 -26.84
N SER E 163 15.19 -11.86 -27.04
CA SER E 163 14.53 -12.91 -26.29
C SER E 163 15.50 -13.62 -25.34
N GLU E 164 16.50 -12.90 -24.81
CA GLU E 164 17.63 -13.53 -24.13
C GLU E 164 17.26 -13.90 -22.70
N TYR E 165 16.66 -12.96 -21.98
CA TYR E 165 16.25 -13.16 -20.59
C TYR E 165 14.77 -13.51 -20.52
N PHE E 166 14.16 -13.75 -21.70
CA PHE E 166 12.73 -13.98 -21.78
C PHE E 166 12.44 -15.41 -21.33
N SER E 167 11.43 -15.55 -20.46
CA SER E 167 11.07 -16.81 -19.85
C SER E 167 10.65 -17.81 -20.91
N GLN E 168 11.23 -19.01 -20.85
CA GLN E 168 10.88 -20.08 -21.77
C GLN E 168 9.52 -20.67 -21.41
N TYR E 169 8.96 -20.26 -20.27
CA TYR E 169 7.73 -20.86 -19.78
C TYR E 169 6.53 -19.96 -20.04
N SER E 170 6.72 -18.84 -20.75
CA SER E 170 5.60 -18.02 -21.20
C SER E 170 4.75 -18.84 -22.18
N ARG E 171 3.46 -18.49 -22.27
CA ARG E 171 2.60 -19.01 -23.32
C ARG E 171 2.93 -18.33 -24.64
N PHE E 172 3.65 -17.20 -24.57
CA PHE E 172 4.00 -16.40 -25.72
C PHE E 172 5.50 -16.49 -25.98
N GLU E 173 5.89 -16.03 -27.18
CA GLU E 173 7.29 -15.93 -27.57
C GLU E 173 7.49 -14.61 -28.30
N ILE E 174 8.72 -14.09 -28.23
CA ILE E 174 9.06 -12.83 -28.86
C ILE E 174 9.57 -13.15 -30.27
N LEU E 175 9.09 -12.36 -31.24
CA LEU E 175 9.55 -12.45 -32.62
C LEU E 175 10.59 -11.37 -32.87
N ASP E 176 10.36 -10.17 -32.31
CA ASP E 176 11.21 -9.04 -32.57
C ASP E 176 10.93 -7.91 -31.57
N VAL E 177 11.99 -7.18 -31.23
CA VAL E 177 11.90 -5.98 -30.42
C VAL E 177 12.74 -4.90 -31.10
N THR E 178 12.10 -3.79 -31.47
CA THR E 178 12.84 -2.65 -31.99
C THR E 178 12.56 -1.47 -31.06
N GLN E 179 13.62 -0.74 -30.70
CA GLN E 179 13.55 0.34 -29.73
C GLN E 179 13.95 1.64 -30.45
N LYS E 180 12.96 2.35 -31.01
CA LYS E 180 13.24 3.58 -31.75
C LYS E 180 12.96 4.80 -30.87
N LYS E 181 13.80 5.83 -31.05
CA LYS E 181 13.69 7.09 -30.33
C LYS E 181 12.66 7.97 -31.03
N ASN E 182 12.04 8.86 -30.26
CA ASN E 182 10.87 9.59 -30.72
C ASN E 182 10.71 10.85 -29.87
N SER E 183 9.85 11.76 -30.31
CA SER E 183 9.50 12.95 -29.55
C SER E 183 7.99 13.19 -29.66
N VAL E 184 7.45 14.01 -28.75
CA VAL E 184 6.07 14.48 -28.85
C VAL E 184 6.01 15.94 -28.39
N THR E 185 5.14 16.72 -29.05
CA THR E 185 4.82 18.08 -28.63
C THR E 185 3.32 18.13 -28.28
N TYR E 186 2.99 18.82 -27.19
CA TYR E 186 1.62 19.03 -26.78
C TYR E 186 1.34 20.52 -26.84
N SER E 187 0.14 20.90 -27.30
CA SER E 187 -0.20 22.30 -27.53
C SER E 187 -0.31 23.07 -26.21
N CYS E 188 -0.38 22.35 -25.07
CA CYS E 188 -0.21 22.97 -23.76
C CYS E 188 0.99 23.91 -23.79
N CYS E 189 2.07 23.42 -24.40
CA CYS E 189 3.41 23.94 -24.18
C CYS E 189 4.11 24.02 -25.54
N PRO E 190 5.16 24.88 -25.69
CA PRO E 190 6.00 24.86 -26.90
C PRO E 190 7.03 23.73 -26.86
N GLU E 191 7.15 23.11 -25.68
CA GLU E 191 8.22 22.17 -25.37
C GLU E 191 7.94 20.83 -26.05
N ALA E 192 9.00 20.04 -26.26
CA ALA E 192 8.86 18.67 -26.73
C ALA E 192 9.38 17.72 -25.66
N TYR E 193 8.81 16.52 -25.61
CA TYR E 193 9.21 15.50 -24.66
C TYR E 193 9.72 14.29 -25.44
N GLU E 194 10.92 13.84 -25.09
CA GLU E 194 11.56 12.72 -25.78
C GLU E 194 11.08 11.42 -25.16
N ASP E 195 10.89 10.40 -26.01
CA ASP E 195 10.51 9.09 -25.53
C ASP E 195 11.25 8.03 -26.34
N VAL E 196 11.41 6.85 -25.73
CA VAL E 196 11.71 5.63 -26.47
C VAL E 196 10.39 4.92 -26.74
N GLU E 197 10.18 4.55 -28.01
CA GLU E 197 9.09 3.69 -28.43
C GLU E 197 9.65 2.28 -28.57
N VAL E 198 9.13 1.35 -27.78
CA VAL E 198 9.55 -0.03 -27.79
C VAL E 198 8.44 -0.86 -28.42
N SER E 199 8.72 -1.48 -29.58
CA SER E 199 7.75 -2.30 -30.28
C SER E 199 8.00 -3.77 -30.00
N LEU E 200 7.04 -4.41 -29.34
CA LEU E 200 7.15 -5.80 -28.96
C LEU E 200 6.30 -6.64 -29.90
N ASN E 201 6.95 -7.36 -30.81
CA ASN E 201 6.29 -8.25 -31.75
C ASN E 201 6.31 -9.66 -31.16
N PHE E 202 5.13 -10.16 -30.77
CA PHE E 202 5.01 -11.42 -30.05
C PHE E 202 3.77 -12.18 -30.52
N ARG E 203 3.71 -13.46 -30.14
CA ARG E 203 2.58 -14.30 -30.48
C ARG E 203 2.46 -15.43 -29.46
N LYS E 204 1.27 -16.03 -29.40
CA LYS E 204 1.07 -17.29 -28.70
C LYS E 204 1.86 -18.38 -29.42
N LYS E 205 2.52 -19.24 -28.65
CA LYS E 205 3.28 -20.35 -29.20
C LYS E 205 2.31 -21.36 -29.80
N GLY E 206 2.70 -21.94 -30.95
CA GLY E 206 1.95 -23.03 -31.53
C GLY E 206 2.14 -24.31 -30.74
N ARG E 207 1.35 -25.34 -31.07
CA ARG E 207 1.45 -26.65 -30.43
C ARG E 207 1.72 -27.69 -31.52
N SER E 208 2.47 -28.76 -31.15
CA SER E 208 2.84 -29.81 -32.09
C SER E 208 1.59 -30.64 -32.47
C4 A1LW0 F . -16.58 19.05 3.67
C5 A1LW0 F . -15.59 19.76 4.62
C6 A1LW0 F . -14.88 18.65 5.27
C7 A1LW0 F . -15.80 17.79 3.31
N1 A1LW0 F . -18.93 18.23 0.73
N2 A1LW0 F . -20.39 18.81 2.47
C3 A1LW0 F . -17.01 19.88 2.47
N3 A1LW0 F . -21.14 17.71 2.29
C1 A1LW0 F . -17.88 18.49 -0.24
C2 A1LW0 F . -19.24 19.02 1.77
O1 A1LW0 F . -20.80 16.85 1.45
O2 A1LW0 F . -22.17 17.58 3.00
N4 A1LW0 F . -18.45 19.89 2.42
O3 A1LW0 F . -14.94 17.52 4.40
C4 A1LW0 G . -10.54 -2.85 22.76
C5 A1LW0 G . -9.58 -2.03 23.64
C6 A1LW0 G . -8.34 -1.91 22.83
C7 A1LW0 G . -9.97 -2.60 21.36
N1 A1LW0 G . -13.98 -4.53 21.68
N2 A1LW0 G . -13.40 -5.71 23.66
C3 A1LW0 G . -12.01 -2.49 22.89
N3 A1LW0 G . -13.86 -6.90 23.23
C1 A1LW0 G . -14.20 -3.34 20.87
C2 A1LW0 G . -13.43 -4.56 22.91
O1 A1LW0 G . -14.42 -7.04 22.13
O2 A1LW0 G . -13.70 -7.89 23.99
N4 A1LW0 G . -12.70 -3.60 23.51
O3 A1LW0 G . -8.57 -2.46 21.53
C4 A1LW0 H . 13.36 -17.29 13.00
C5 A1LW0 H . 14.53 -16.41 13.48
C6 A1LW0 H . 14.54 -15.32 12.48
C7 A1LW0 H . 12.39 -16.25 12.46
N1 A1LW0 H . 11.45 -20.56 12.63
N2 A1LW0 H . 13.61 -21.46 12.66
C3 A1LW0 H . 12.78 -18.21 14.06
N3 A1LW0 H . 13.35 -22.37 11.71
C1 A1LW0 H . 10.34 -19.78 13.15
C2 A1LW0 H . 12.70 -20.53 13.09
O1 A1LW0 H . 12.24 -22.36 11.12
O2 A1LW0 H . 14.20 -23.23 11.40
N4 A1LW0 H . 13.26 -19.56 13.84
O3 A1LW0 H . 13.19 -15.14 12.04
C4 A1LW0 I . 21.52 -4.99 -12.23
C5 A1LW0 I . 22.70 -4.14 -11.72
C6 A1LW0 I . 22.03 -2.91 -11.25
C7 A1LW0 I . 20.46 -4.63 -11.20
N1 A1LW0 I . 20.47 -7.81 -14.83
N2 A1LW0 I . 22.09 -6.64 -16.00
C3 A1LW0 I . 21.81 -6.47 -12.38
N3 A1LW0 I . 21.45 -6.82 -17.16
C1 A1LW0 I . 19.96 -8.62 -13.74
C2 A1LW0 I . 21.61 -7.12 -14.82
O1 A1LW0 I . 21.92 -6.33 -18.20
O2 A1LW0 I . 20.38 -7.47 -17.21
N4 A1LW0 I . 22.29 -6.67 -13.74
O3 A1LW0 I . 20.69 -3.26 -10.85
C4 A1LW0 J . 3.22 17.96 -18.41
C5 A1LW0 J . 4.00 18.98 -17.56
C6 A1LW0 J . 3.70 18.59 -16.17
C7 A1LW0 J . 3.18 16.74 -17.48
N1 A1LW0 J . 1.38 15.45 -21.49
N2 A1LW0 J . 1.45 17.79 -21.32
C3 A1LW0 J . 3.83 17.65 -19.77
N3 A1LW0 J . 0.30 17.92 -22.00
C1 A1LW0 J . 1.78 14.09 -21.19
C2 A1LW0 J . 2.01 16.56 -21.06
O1 A1LW0 J . -0.16 19.06 -22.16
O2 A1LW0 J . -0.33 16.95 -22.48
N4 A1LW0 J . 3.18 16.51 -20.40
O3 A1LW0 J . 3.59 17.18 -16.18
#